data_9V0W
#
_entry.id   9V0W
#
_cell.length_a   162.213
_cell.length_b   162.213
_cell.length_c   181.952
_cell.angle_alpha   90.00
_cell.angle_beta   90.00
_cell.angle_gamma   120.00
#
_symmetry.space_group_name_H-M   'P 61 2 2'
#
loop_
_entity.id
_entity.type
_entity.pdbx_description
1 polymer 'tetrahydrobiopterin glucosyltransferase'
2 water water
#
_entity_poly.entity_id   1
_entity_poly.type   'polypeptide(L)'
_entity_poly.pdbx_seq_one_letter_code
;MNKKYRLLFLSTPVGALGSGIGGGVELTLQNAAKALMAKGHEVEIVAPEGSVTNVTKLTPIAGNSQVSAQTQVGTDMVVL
PQDSVLENMWSYAREVQDQFDLLFNFAYDWLPLYLTPFFHRPIAHWISMSSLSPVIDAMVSKTVKLCPQAIAVNTRACAD
TFSDGDRLMIMGKGIDVTQYNFVAKPEKPSLAWVGRISPEKGLEDAAETAQATGLPLRVFGLIQDQAYWQQIQNDFPKAE
IHYEGFLSTHELQQKLGQSSALLMTPRWIEAFGNAAIEAFACGVPVISYRSGGLTEIVRHGKTGFLVDMGSVAGLIEAVS
KLETIDRLACRQQLEEEYSLEVWGDRLEKWFEQLITSYTLSRNI
;
_entity_poly.pdbx_strand_id   A,B
#
# COMPACT_ATOMS: atom_id res chain seq x y z
N LYS A 3 10.39 -29.91 -1.53
CA LYS A 3 9.19 -30.21 -0.75
C LYS A 3 8.00 -29.42 -1.27
N LYS A 4 7.54 -29.74 -2.48
CA LYS A 4 6.38 -29.07 -3.07
C LYS A 4 5.13 -29.89 -2.78
N TYR A 5 4.28 -29.39 -1.89
CA TYR A 5 3.10 -30.11 -1.45
C TYR A 5 1.86 -29.70 -2.24
N ARG A 6 0.90 -30.62 -2.32
CA ARG A 6 -0.42 -30.35 -2.87
C ARG A 6 -1.41 -30.33 -1.71
N LEU A 7 -2.06 -29.18 -1.51
CA LEU A 7 -2.87 -28.95 -0.33
C LEU A 7 -4.30 -28.64 -0.72
N LEU A 8 -5.25 -29.20 0.03
CA LEU A 8 -6.67 -28.94 -0.14
C LEU A 8 -7.17 -28.20 1.09
N PHE A 9 -7.65 -26.99 0.86
CA PHE A 9 -8.17 -26.16 1.94
C PHE A 9 -9.69 -26.29 1.98
N LEU A 10 -10.22 -26.59 3.16
CA LEU A 10 -11.65 -26.75 3.38
C LEU A 10 -12.14 -25.56 4.20
N SER A 11 -13.06 -24.77 3.62
CA SER A 11 -13.44 -23.50 4.21
C SER A 11 -14.58 -23.67 5.21
N THR A 12 -15.03 -22.53 5.76
CA THR A 12 -16.16 -22.46 6.69
C THR A 12 -17.48 -22.63 5.96
N PRO A 13 -18.46 -23.27 6.58
CA PRO A 13 -19.79 -23.41 5.98
C PRO A 13 -20.77 -22.28 6.29
N VAL A 14 -20.36 -21.22 7.00
CA VAL A 14 -21.33 -20.22 7.43
C VAL A 14 -21.80 -19.37 6.26
N GLY A 15 -20.88 -18.94 5.41
CA GLY A 15 -21.26 -18.10 4.29
C GLY A 15 -20.45 -18.45 3.07
N ALA A 16 -20.35 -17.55 2.12
CA ALA A 16 -19.51 -17.78 0.95
C ALA A 16 -18.30 -16.85 1.03
N LEU A 17 -17.23 -17.25 0.36
CA LEU A 17 -16.05 -16.41 0.28
C LEU A 17 -16.38 -15.13 -0.49
N GLY A 18 -16.06 -13.99 0.11
CA GLY A 18 -16.43 -12.70 -0.42
C GLY A 18 -17.73 -12.15 0.14
N SER A 19 -18.61 -13.00 0.67
CA SER A 19 -19.82 -12.51 1.30
C SER A 19 -19.53 -11.87 2.65
N GLY A 20 -18.38 -12.16 3.25
CA GLY A 20 -18.04 -11.71 4.58
C GLY A 20 -18.82 -12.33 5.71
N ILE A 21 -19.64 -13.34 5.42
CA ILE A 21 -20.50 -13.91 6.46
C ILE A 21 -19.72 -14.84 7.40
N GLY A 22 -18.67 -15.49 6.89
CA GLY A 22 -17.84 -16.36 7.72
C GLY A 22 -16.88 -15.64 8.67
N GLY A 23 -16.60 -14.38 8.42
CA GLY A 23 -15.75 -13.63 9.33
C GLY A 23 -14.27 -13.67 8.99
N GLY A 24 -13.43 -13.53 10.02
CA GLY A 24 -11.98 -13.44 9.82
C GLY A 24 -11.36 -14.67 9.19
N VAL A 25 -12.05 -15.81 9.25
CA VAL A 25 -11.53 -17.03 8.66
C VAL A 25 -11.45 -16.91 7.15
N GLU A 26 -12.47 -16.28 6.54
CA GLU A 26 -12.43 -16.02 5.11
C GLU A 26 -11.12 -15.35 4.74
N LEU A 27 -10.65 -14.44 5.58
CA LEU A 27 -9.38 -13.80 5.31
C LEU A 27 -8.20 -14.68 5.72
N THR A 28 -8.33 -15.39 6.84
CA THR A 28 -7.23 -16.25 7.28
C THR A 28 -6.95 -17.35 6.25
N LEU A 29 -8.01 -17.92 5.69
CA LEU A 29 -7.86 -18.97 4.69
C LEU A 29 -7.07 -18.47 3.49
N GLN A 30 -7.51 -17.36 2.91
CA GLN A 30 -6.85 -16.87 1.71
C GLN A 30 -5.43 -16.39 2.02
N ASN A 31 -5.22 -15.80 3.19
CA ASN A 31 -3.87 -15.42 3.58
C ASN A 31 -3.00 -16.66 3.80
N ALA A 32 -3.57 -17.74 4.33
CA ALA A 32 -2.82 -18.98 4.41
C ALA A 32 -2.53 -19.53 3.02
N ALA A 33 -3.50 -19.44 2.12
CA ALA A 33 -3.27 -19.86 0.74
C ALA A 33 -2.18 -19.01 0.09
N LYS A 34 -2.31 -17.68 0.18
CA LYS A 34 -1.29 -16.80 -0.39
C LYS A 34 0.10 -17.12 0.16
N ALA A 35 0.20 -17.31 1.48
CA ALA A 35 1.50 -17.56 2.09
C ALA A 35 2.08 -18.90 1.63
N LEU A 36 1.25 -19.95 1.62
CA LEU A 36 1.74 -21.25 1.22
C LEU A 36 1.98 -21.34 -0.28
N MET A 37 1.19 -20.61 -1.08
CA MET A 37 1.44 -20.59 -2.52
C MET A 37 2.75 -19.90 -2.84
N ALA A 38 3.07 -18.82 -2.12
CA ALA A 38 4.31 -18.10 -2.36
C ALA A 38 5.54 -18.91 -1.98
N LYS A 39 5.38 -19.96 -1.18
CA LYS A 39 6.47 -20.89 -0.90
C LYS A 39 6.55 -22.03 -1.90
N GLY A 40 5.73 -22.01 -2.95
CA GLY A 40 5.82 -22.99 -4.00
C GLY A 40 4.85 -24.14 -3.93
N HIS A 41 3.75 -24.02 -3.19
CA HIS A 41 2.80 -25.10 -3.01
C HIS A 41 1.52 -24.86 -3.79
N GLU A 42 0.83 -25.96 -4.10
CA GLU A 42 -0.46 -25.90 -4.78
C GLU A 42 -1.56 -26.00 -3.73
N VAL A 43 -2.58 -25.16 -3.88
CA VAL A 43 -3.67 -25.05 -2.92
C VAL A 43 -4.99 -24.99 -3.67
N GLU A 44 -5.93 -25.84 -3.27
CA GLU A 44 -7.30 -25.78 -3.78
C GLU A 44 -8.22 -25.45 -2.61
N ILE A 45 -9.12 -24.50 -2.82
CA ILE A 45 -10.07 -24.08 -1.80
C ILE A 45 -11.42 -24.71 -2.09
N VAL A 46 -11.97 -25.41 -1.10
CA VAL A 46 -13.34 -25.92 -1.14
C VAL A 46 -14.18 -25.03 -0.23
N ALA A 47 -15.30 -24.54 -0.75
CA ALA A 47 -16.12 -23.55 -0.07
C ALA A 47 -17.52 -23.62 -0.65
N PRO A 48 -18.52 -23.10 0.06
CA PRO A 48 -19.91 -23.23 -0.41
C PRO A 48 -20.16 -22.58 -1.76
N GLU A 49 -21.38 -22.80 -2.26
CA GLU A 49 -21.78 -22.22 -3.55
C GLU A 49 -21.85 -20.70 -3.44
N GLY A 50 -21.42 -20.02 -4.50
CA GLY A 50 -21.34 -18.58 -4.51
C GLY A 50 -20.06 -18.00 -3.95
N SER A 51 -19.10 -18.83 -3.60
CA SER A 51 -17.84 -18.35 -3.05
C SER A 51 -16.94 -17.87 -4.18
N VAL A 52 -16.22 -16.78 -3.93
CA VAL A 52 -15.30 -16.23 -4.92
C VAL A 52 -13.98 -15.88 -4.26
N THR A 53 -12.89 -16.19 -4.94
CA THR A 53 -11.55 -15.79 -4.51
C THR A 53 -10.68 -15.59 -5.74
N ASN A 54 -9.74 -14.66 -5.62
CA ASN A 54 -8.74 -14.44 -6.66
C ASN A 54 -7.39 -15.08 -6.30
N VAL A 55 -7.33 -15.85 -5.21
CA VAL A 55 -6.05 -16.37 -4.74
C VAL A 55 -5.68 -17.67 -5.46
N THR A 56 -6.62 -18.59 -5.62
CA THR A 56 -6.31 -19.88 -6.22
C THR A 56 -7.61 -20.54 -6.69
N LYS A 57 -7.49 -21.79 -7.14
CA LYS A 57 -8.62 -22.55 -7.62
C LYS A 57 -9.63 -22.78 -6.50
N LEU A 58 -10.90 -22.57 -6.83
CA LEU A 58 -11.97 -22.79 -5.87
C LEU A 58 -13.01 -23.69 -6.50
N THR A 59 -13.32 -24.79 -5.83
CA THR A 59 -14.41 -25.66 -6.25
C THR A 59 -15.59 -25.48 -5.30
N PRO A 60 -16.67 -24.86 -5.74
CA PRO A 60 -17.81 -24.62 -4.86
C PRO A 60 -18.62 -25.90 -4.67
N ILE A 61 -19.37 -25.94 -3.57
CA ILE A 61 -20.09 -27.13 -3.15
C ILE A 61 -21.51 -26.72 -2.77
N ALA A 62 -22.50 -27.39 -3.34
CA ALA A 62 -23.89 -27.05 -3.07
C ALA A 62 -24.34 -27.67 -1.75
N GLY A 63 -25.27 -26.99 -1.09
CA GLY A 63 -25.80 -27.47 0.17
C GLY A 63 -26.50 -26.36 0.93
N ASN A 64 -26.85 -26.66 2.18
CA ASN A 64 -27.51 -25.71 3.05
C ASN A 64 -26.52 -25.15 4.06
N SER A 65 -26.52 -23.82 4.19
CA SER A 65 -25.61 -23.15 5.11
C SER A 65 -25.87 -23.59 6.54
N GLN A 66 -24.80 -23.80 7.29
CA GLN A 66 -24.84 -24.27 8.67
C GLN A 66 -24.86 -23.09 9.63
N VAL A 67 -25.49 -23.28 10.78
CA VAL A 67 -25.56 -22.23 11.79
C VAL A 67 -24.16 -21.92 12.32
N SER A 68 -23.88 -20.63 12.52
CA SER A 68 -22.59 -20.21 13.04
C SER A 68 -22.40 -20.74 14.46
N ALA A 69 -21.16 -21.09 14.79
CA ALA A 69 -20.80 -21.61 16.11
C ALA A 69 -20.64 -20.54 17.18
N GLN A 70 -20.75 -19.27 16.82
CA GLN A 70 -20.72 -18.19 17.80
C GLN A 70 -22.03 -18.04 18.55
N THR A 71 -23.15 -18.53 17.99
CA THR A 71 -24.44 -18.45 18.66
C THR A 71 -24.63 -19.55 19.70
N GLN A 72 -23.97 -20.70 19.52
CA GLN A 72 -24.01 -21.79 20.49
C GLN A 72 -22.71 -21.80 21.32
N VAL A 73 -22.68 -20.99 22.38
CA VAL A 73 -21.50 -20.90 23.24
C VAL A 73 -21.75 -21.81 24.44
N GLY A 74 -20.95 -22.87 24.55
CA GLY A 74 -21.11 -23.86 25.60
C GLY A 74 -21.99 -25.04 25.23
N THR A 75 -22.34 -25.20 23.94
CA THR A 75 -23.26 -26.25 23.52
C THR A 75 -22.58 -27.62 23.56
N ASP A 76 -23.36 -28.65 23.93
CA ASP A 76 -22.90 -30.03 23.83
C ASP A 76 -23.68 -30.75 22.72
N MET A 77 -24.10 -30.01 21.70
CA MET A 77 -24.89 -30.50 20.58
C MET A 77 -24.07 -30.45 19.30
N VAL A 78 -24.39 -31.37 18.39
CA VAL A 78 -23.94 -31.32 17.01
C VAL A 78 -25.19 -31.21 16.15
N VAL A 79 -25.29 -30.12 15.39
CA VAL A 79 -26.45 -29.87 14.54
C VAL A 79 -25.97 -29.68 13.11
N LEU A 80 -26.51 -30.48 12.19
CA LEU A 80 -26.21 -30.35 10.77
C LEU A 80 -27.52 -30.27 10.00
N PRO A 81 -27.72 -29.24 9.17
CA PRO A 81 -28.95 -29.16 8.39
C PRO A 81 -29.02 -30.27 7.35
N GLN A 82 -30.22 -30.51 6.84
CA GLN A 82 -30.38 -31.49 5.78
C GLN A 82 -29.62 -31.04 4.55
N ASP A 83 -28.88 -31.98 3.96
CA ASP A 83 -28.00 -31.69 2.82
C ASP A 83 -27.07 -30.52 3.13
N SER A 84 -26.47 -30.54 4.32
CA SER A 84 -25.62 -29.42 4.76
C SER A 84 -24.42 -29.26 3.83
N VAL A 85 -24.01 -28.00 3.65
CA VAL A 85 -22.80 -27.72 2.89
C VAL A 85 -21.62 -28.47 3.47
N LEU A 86 -21.46 -28.41 4.80
CA LEU A 86 -20.31 -29.04 5.43
C LEU A 86 -20.23 -30.52 5.09
N GLU A 87 -21.38 -31.20 4.98
CA GLU A 87 -21.38 -32.62 4.62
C GLU A 87 -20.83 -32.84 3.22
N ASN A 88 -21.37 -32.11 2.26
CA ASN A 88 -20.99 -32.32 0.88
C ASN A 88 -19.56 -31.86 0.64
N MET A 89 -19.12 -30.86 1.40
CA MET A 89 -17.73 -30.44 1.31
C MET A 89 -16.78 -31.57 1.69
N TRP A 90 -17.08 -32.24 2.80
CA TRP A 90 -16.20 -33.31 3.26
C TRP A 90 -16.46 -34.61 2.50
N SER A 91 -17.67 -34.78 1.96
CA SER A 91 -17.88 -35.85 1.00
C SER A 91 -16.95 -35.68 -0.20
N TYR A 92 -16.90 -34.47 -0.74
CA TYR A 92 -15.98 -34.17 -1.82
C TYR A 92 -14.53 -34.42 -1.41
N ALA A 93 -14.17 -34.00 -0.20
CA ALA A 93 -12.80 -34.22 0.26
C ALA A 93 -12.44 -35.70 0.24
N ARG A 94 -13.36 -36.55 0.71
CA ARG A 94 -13.12 -37.99 0.64
C ARG A 94 -12.98 -38.46 -0.80
N GLU A 95 -13.72 -37.85 -1.73
CA GLU A 95 -13.63 -38.25 -3.12
C GLU A 95 -12.23 -38.00 -3.69
N VAL A 96 -11.64 -36.84 -3.39
CA VAL A 96 -10.45 -36.35 -4.07
C VAL A 96 -9.22 -36.39 -3.18
N GLN A 97 -9.32 -36.95 -1.98
CA GLN A 97 -8.22 -36.87 -1.01
C GLN A 97 -6.95 -37.51 -1.53
N ASP A 98 -7.05 -38.44 -2.49
CA ASP A 98 -5.87 -39.13 -2.96
C ASP A 98 -4.98 -38.24 -3.81
N GLN A 99 -5.52 -37.12 -4.32
CA GLN A 99 -4.71 -36.22 -5.13
C GLN A 99 -3.85 -35.29 -4.29
N PHE A 100 -4.00 -35.30 -2.97
CA PHE A 100 -3.36 -34.30 -2.13
C PHE A 100 -2.42 -34.96 -1.13
N ASP A 101 -1.65 -34.10 -0.46
CA ASP A 101 -0.73 -34.52 0.58
C ASP A 101 -1.27 -34.22 1.97
N LEU A 102 -2.06 -33.16 2.11
CA LEU A 102 -2.61 -32.76 3.40
C LEU A 102 -3.92 -32.01 3.15
N LEU A 103 -4.83 -32.11 4.11
CA LEU A 103 -6.07 -31.36 4.13
C LEU A 103 -6.07 -30.39 5.29
N PHE A 104 -6.50 -29.16 5.03
CA PHE A 104 -6.45 -28.09 6.02
C PHE A 104 -7.87 -27.55 6.20
N ASN A 105 -8.40 -27.69 7.42
CA ASN A 105 -9.78 -27.36 7.72
C ASN A 105 -9.88 -26.04 8.47
N PHE A 106 -10.87 -25.23 8.10
CA PHE A 106 -11.12 -23.97 8.80
C PHE A 106 -12.45 -23.91 9.55
N ALA A 107 -13.32 -24.89 9.37
CA ALA A 107 -14.64 -24.85 9.98
C ALA A 107 -14.51 -25.16 11.47
N TYR A 108 -15.30 -24.44 12.28
CA TYR A 108 -15.32 -24.64 13.73
C TYR A 108 -16.51 -25.54 14.11
N ASP A 109 -16.40 -26.82 13.75
CA ASP A 109 -17.55 -27.72 13.84
C ASP A 109 -17.12 -29.12 14.24
N TRP A 110 -18.12 -29.94 14.58
CA TRP A 110 -17.85 -31.29 15.03
C TRP A 110 -17.44 -32.19 13.86
N LEU A 111 -18.21 -32.16 12.77
CA LEU A 111 -18.03 -33.17 11.73
C LEU A 111 -16.61 -33.22 11.18
N PRO A 112 -15.96 -32.11 10.81
CA PRO A 112 -14.58 -32.23 10.34
C PRO A 112 -13.65 -32.83 11.38
N LEU A 113 -13.82 -32.47 12.65
CA LEU A 113 -12.96 -33.05 13.67
C LEU A 113 -13.18 -34.56 13.78
N TYR A 114 -14.44 -35.00 13.73
CA TYR A 114 -14.73 -36.42 13.89
C TYR A 114 -14.21 -37.23 12.71
N LEU A 115 -14.35 -36.71 11.50
CA LEU A 115 -13.97 -37.45 10.30
C LEU A 115 -12.46 -37.60 10.16
N THR A 116 -11.67 -36.94 11.02
CA THR A 116 -10.22 -36.92 10.83
C THR A 116 -9.62 -38.32 10.75
N PRO A 117 -9.88 -39.24 11.69
CA PRO A 117 -9.32 -40.60 11.54
C PRO A 117 -9.96 -41.41 10.42
N PHE A 118 -11.00 -40.90 9.74
CA PHE A 118 -11.60 -41.67 8.66
C PHE A 118 -10.92 -41.45 7.32
N PHE A 119 -10.16 -40.37 7.17
CA PHE A 119 -9.40 -40.16 5.95
C PHE A 119 -8.07 -40.90 6.03
N HIS A 120 -7.52 -41.21 4.87
CA HIS A 120 -6.18 -41.78 4.78
C HIS A 120 -5.14 -40.77 4.31
N ARG A 121 -5.40 -39.49 4.52
CA ARG A 121 -4.45 -38.40 4.40
C ARG A 121 -4.50 -37.59 5.69
N PRO A 122 -3.45 -36.86 6.01
CA PRO A 122 -3.47 -36.05 7.24
C PRO A 122 -4.38 -34.84 7.08
N ILE A 123 -5.12 -34.54 8.14
CA ILE A 123 -5.99 -33.36 8.15
C ILE A 123 -5.50 -32.40 9.21
N ALA A 124 -5.36 -31.13 8.85
CA ALA A 124 -4.99 -30.06 9.78
C ALA A 124 -6.17 -29.14 10.02
N HIS A 125 -6.28 -28.65 11.24
CA HIS A 125 -7.43 -27.86 11.68
C HIS A 125 -6.97 -26.50 12.18
N TRP A 126 -7.64 -25.45 11.73
CA TRP A 126 -7.43 -24.10 12.24
C TRP A 126 -8.66 -23.76 13.07
N ILE A 127 -8.47 -23.63 14.38
CA ILE A 127 -9.55 -23.24 15.28
C ILE A 127 -9.57 -21.72 15.38
N SER A 128 -10.67 -21.13 14.92
CA SER A 128 -10.71 -19.69 14.71
C SER A 128 -11.04 -18.92 15.99
N MET A 129 -11.77 -19.52 16.91
CA MET A 129 -12.10 -18.84 18.16
C MET A 129 -11.80 -19.77 19.33
N SER A 130 -11.86 -19.21 20.53
CA SER A 130 -11.38 -19.87 21.73
C SER A 130 -12.47 -20.64 22.46
N SER A 131 -12.43 -21.98 22.34
CA SER A 131 -13.31 -22.89 23.07
C SER A 131 -14.67 -22.31 23.39
N LEU A 132 -15.49 -22.07 22.38
CA LEU A 132 -16.79 -21.53 22.67
C LEU A 132 -17.76 -22.62 23.11
N SER A 133 -17.41 -23.88 22.87
CA SER A 133 -18.29 -25.00 23.17
C SER A 133 -17.49 -26.21 23.63
N PRO A 134 -18.05 -27.03 24.53
CA PRO A 134 -17.32 -28.22 24.99
C PRO A 134 -17.23 -29.36 23.98
N VAL A 135 -18.15 -29.47 23.01
CA VAL A 135 -17.97 -30.52 22.01
C VAL A 135 -16.69 -30.26 21.23
N ILE A 136 -16.43 -28.99 20.90
CA ILE A 136 -15.20 -28.66 20.21
C ILE A 136 -14.03 -28.88 21.16
N ASP A 137 -14.21 -28.52 22.43
CA ASP A 137 -13.20 -28.83 23.43
C ASP A 137 -13.00 -30.33 23.56
N ALA A 138 -14.11 -31.09 23.61
CA ALA A 138 -14.01 -32.55 23.70
C ALA A 138 -13.40 -33.13 22.43
N MET A 139 -13.87 -32.67 21.26
CA MET A 139 -13.34 -33.18 20.00
C MET A 139 -11.87 -32.80 19.82
N VAL A 140 -11.52 -31.56 20.15
CA VAL A 140 -10.12 -31.16 20.16
C VAL A 140 -9.34 -32.04 21.11
N SER A 141 -9.93 -32.33 22.27
CA SER A 141 -9.29 -33.23 23.22
C SER A 141 -9.06 -34.59 22.57
N LYS A 142 -10.13 -35.15 22.00
CA LYS A 142 -10.06 -36.48 21.40
C LYS A 142 -9.10 -36.50 20.23
N THR A 143 -9.11 -35.45 19.41
CA THR A 143 -8.39 -35.45 18.13
C THR A 143 -6.89 -35.29 18.33
N VAL A 144 -6.48 -34.45 19.27
CA VAL A 144 -5.03 -34.25 19.45
C VAL A 144 -4.43 -35.49 20.05
N LYS A 145 -5.20 -36.22 20.87
CA LYS A 145 -4.72 -37.48 21.40
C LYS A 145 -4.64 -38.54 20.30
N LEU A 146 -5.59 -38.53 19.37
CA LEU A 146 -5.54 -39.49 18.28
C LEU A 146 -4.51 -39.11 17.23
N CYS A 147 -4.41 -37.82 16.91
CA CYS A 147 -3.41 -37.30 15.97
C CYS A 147 -2.70 -36.13 16.63
N PRO A 148 -1.53 -36.34 17.23
CA PRO A 148 -0.80 -35.23 17.85
C PRO A 148 -0.45 -34.15 16.84
N GLN A 149 -0.33 -32.91 17.33
CA GLN A 149 0.04 -31.76 16.51
C GLN A 149 -1.01 -31.47 15.43
N ALA A 150 -2.25 -31.86 15.66
CA ALA A 150 -3.24 -31.75 14.60
C ALA A 150 -4.00 -30.44 14.58
N ILE A 151 -4.08 -29.73 15.70
CA ILE A 151 -4.91 -28.53 15.79
C ILE A 151 -4.07 -27.34 16.20
N ALA A 152 -4.14 -26.25 15.42
CA ALA A 152 -3.39 -25.04 15.69
C ALA A 152 -4.33 -23.87 15.99
N VAL A 153 -3.80 -22.89 16.72
CA VAL A 153 -4.48 -21.62 16.97
C VAL A 153 -3.47 -20.48 16.92
N ASN A 154 -4.00 -19.25 17.01
CA ASN A 154 -3.18 -18.04 16.94
C ASN A 154 -2.52 -17.71 18.27
N THR A 155 -3.32 -17.51 19.32
CA THR A 155 -2.81 -16.96 20.57
C THR A 155 -2.78 -18.00 21.68
N ARG A 156 -1.83 -17.84 22.61
CA ARG A 156 -1.81 -18.65 23.82
C ARG A 156 -3.08 -18.45 24.62
N ALA A 157 -3.65 -17.24 24.59
CA ALA A 157 -4.89 -16.96 25.28
C ALA A 157 -5.99 -17.91 24.83
N CYS A 158 -5.94 -18.33 23.57
CA CYS A 158 -6.94 -19.26 23.06
C CYS A 158 -6.74 -20.64 23.67
N ALA A 159 -5.49 -21.12 23.72
CA ALA A 159 -5.20 -22.42 24.32
C ALA A 159 -5.62 -22.45 25.79
N ASP A 160 -5.56 -21.31 26.49
CA ASP A 160 -6.01 -21.23 27.88
C ASP A 160 -7.49 -21.57 28.02
N THR A 161 -8.28 -21.34 26.97
CA THR A 161 -9.69 -21.72 27.05
C THR A 161 -9.93 -23.17 26.67
N PHE A 162 -8.93 -23.86 26.10
CA PHE A 162 -9.05 -25.25 25.73
C PHE A 162 -8.52 -26.17 26.82
N SER A 163 -9.25 -27.28 27.03
CA SER A 163 -8.88 -28.20 28.09
C SER A 163 -7.52 -28.84 27.82
N ASP A 164 -7.17 -29.02 26.54
CA ASP A 164 -5.89 -29.60 26.17
C ASP A 164 -5.05 -28.64 25.33
N GLY A 165 -5.07 -27.36 25.73
CA GLY A 165 -4.26 -26.37 25.04
C GLY A 165 -2.78 -26.70 24.99
N ASP A 166 -2.27 -27.47 25.97
CA ASP A 166 -0.86 -27.84 25.93
C ASP A 166 -0.52 -28.68 24.70
N ARG A 167 -1.52 -29.39 24.15
CA ARG A 167 -1.30 -30.12 22.90
C ARG A 167 -1.74 -29.32 21.68
N LEU A 168 -2.32 -28.14 21.86
CA LEU A 168 -2.63 -27.29 20.72
C LEU A 168 -1.35 -26.68 20.14
N MET A 169 -1.32 -26.56 18.83
CA MET A 169 -0.22 -25.87 18.18
C MET A 169 -0.48 -24.37 18.20
N ILE A 170 0.59 -23.60 18.40
CA ILE A 170 0.52 -22.15 18.37
C ILE A 170 1.21 -21.69 17.10
N MET A 171 0.43 -21.16 16.16
CA MET A 171 0.93 -20.71 14.87
C MET A 171 0.83 -19.21 14.67
N GLY A 172 0.25 -18.48 15.63
CA GLY A 172 0.09 -17.05 15.43
C GLY A 172 -0.85 -16.79 14.27
N LYS A 173 -0.57 -15.71 13.54
CA LYS A 173 -1.30 -15.42 12.32
C LYS A 173 -0.36 -14.68 11.37
N GLY A 174 -0.89 -14.35 10.19
CA GLY A 174 -0.17 -13.60 9.18
C GLY A 174 -1.10 -12.73 8.39
N ILE A 175 -0.65 -11.54 8.01
CA ILE A 175 -1.46 -10.61 7.22
C ILE A 175 -0.65 -10.18 6.01
N ASP A 176 -1.36 -9.70 4.99
CA ASP A 176 -0.72 -9.22 3.75
C ASP A 176 -0.32 -7.76 3.93
N VAL A 177 0.98 -7.51 4.06
CA VAL A 177 1.49 -6.18 4.35
C VAL A 177 1.27 -5.23 3.17
N THR A 178 1.29 -5.76 1.94
CA THR A 178 1.15 -4.91 0.77
C THR A 178 -0.21 -4.25 0.70
N GLN A 179 -1.20 -4.77 1.42
CA GLN A 179 -2.52 -4.19 1.38
C GLN A 179 -2.76 -3.12 2.43
N TYR A 180 -1.76 -2.77 3.23
CA TYR A 180 -1.94 -1.78 4.29
C TYR A 180 -1.07 -0.56 4.03
N ASN A 181 -1.70 0.62 4.05
CA ASN A 181 -1.03 1.88 3.81
C ASN A 181 -0.40 2.36 5.12
N PHE A 182 0.93 2.26 5.21
CA PHE A 182 1.66 2.77 6.36
C PHE A 182 1.66 4.29 6.32
N VAL A 183 1.14 4.91 7.36
CA VAL A 183 1.13 6.36 7.51
C VAL A 183 2.25 6.74 8.46
N ALA A 184 3.27 7.44 7.94
CA ALA A 184 4.41 7.81 8.77
C ALA A 184 4.01 8.79 9.86
N LYS A 185 3.13 9.74 9.55
CA LYS A 185 2.60 10.67 10.53
C LYS A 185 1.23 11.17 10.09
N PRO A 186 0.19 10.96 10.90
CA PRO A 186 -1.15 11.47 10.54
C PRO A 186 -1.16 12.98 10.38
N GLU A 187 -2.17 13.49 9.68
CA GLU A 187 -2.19 14.93 9.44
C GLU A 187 -2.65 15.70 10.68
N LYS A 188 -3.56 15.13 11.45
CA LYS A 188 -3.99 15.68 12.72
C LYS A 188 -4.11 14.54 13.72
N PRO A 189 -3.79 14.80 14.98
CA PRO A 189 -3.93 13.75 16.00
C PRO A 189 -5.38 13.32 16.21
N SER A 190 -5.55 12.01 16.41
CA SER A 190 -6.87 11.43 16.66
C SER A 190 -6.68 10.04 17.27
N LEU A 191 -7.74 9.56 17.93
CA LEU A 191 -7.77 8.22 18.50
C LEU A 191 -8.80 7.37 17.76
N ALA A 192 -8.54 6.05 17.70
CA ALA A 192 -9.37 5.12 16.95
C ALA A 192 -9.77 3.93 17.82
N TRP A 193 -10.96 3.38 17.52
CA TRP A 193 -11.52 2.22 18.21
C TRP A 193 -12.17 1.30 17.18
N VAL A 194 -11.90 0.00 17.29
CA VAL A 194 -12.40 -0.98 16.33
C VAL A 194 -13.02 -2.17 17.08
N GLY A 195 -14.27 -2.47 16.78
CA GLY A 195 -14.94 -3.60 17.38
C GLY A 195 -16.43 -3.51 17.17
N ARG A 196 -17.13 -4.39 17.88
CA ARG A 196 -18.58 -4.44 17.87
C ARG A 196 -19.13 -3.36 18.81
N ILE A 197 -20.14 -2.61 18.35
CA ILE A 197 -20.67 -1.49 19.11
C ILE A 197 -21.80 -2.03 19.99
N SER A 198 -21.48 -2.32 21.25
CA SER A 198 -22.44 -2.83 22.21
C SER A 198 -22.03 -2.37 23.59
N PRO A 199 -22.96 -2.34 24.55
CA PRO A 199 -22.64 -1.81 25.90
C PRO A 199 -21.58 -2.57 26.69
N GLU A 200 -21.24 -3.82 26.33
CA GLU A 200 -20.28 -4.58 27.11
C GLU A 200 -18.96 -4.77 26.36
N LYS A 201 -18.61 -3.83 25.49
CA LYS A 201 -17.36 -3.88 24.74
C LYS A 201 -16.39 -2.76 25.12
N GLY A 202 -16.69 -2.01 26.18
CA GLY A 202 -15.74 -1.03 26.67
C GLY A 202 -15.58 0.22 25.83
N LEU A 203 -16.38 0.40 24.79
CA LEU A 203 -16.30 1.59 23.96
C LEU A 203 -16.46 2.86 24.79
N GLU A 204 -17.13 2.76 25.94
CA GLU A 204 -17.32 3.92 26.80
C GLU A 204 -16.01 4.49 27.31
N ASP A 205 -15.06 3.61 27.66
CA ASP A 205 -13.76 4.07 28.16
C ASP A 205 -13.05 4.92 27.12
N ALA A 206 -13.06 4.46 25.86
CA ALA A 206 -12.38 5.19 24.80
C ALA A 206 -12.93 6.60 24.65
N ALA A 207 -14.24 6.77 24.83
CA ALA A 207 -14.83 8.08 24.66
C ALA A 207 -14.32 9.06 25.71
N GLU A 208 -14.20 8.59 26.96
CA GLU A 208 -13.67 9.43 28.03
C GLU A 208 -12.23 9.80 27.77
N THR A 209 -11.42 8.82 27.34
CA THR A 209 -10.03 9.08 26.96
C THR A 209 -9.98 10.14 25.87
N ALA A 210 -10.88 10.04 24.90
CA ALA A 210 -10.95 11.04 23.84
C ALA A 210 -11.36 12.39 24.40
N GLN A 211 -12.29 12.40 25.34
CA GLN A 211 -12.73 13.67 25.89
C GLN A 211 -11.62 14.33 26.72
N ALA A 212 -10.93 13.56 27.57
CA ALA A 212 -9.96 14.17 28.48
C ALA A 212 -8.69 14.63 27.77
N THR A 213 -8.29 13.97 26.68
CA THR A 213 -7.12 14.38 25.93
C THR A 213 -7.43 15.42 24.85
N GLY A 214 -8.69 15.66 24.54
CA GLY A 214 -9.05 16.58 23.48
C GLY A 214 -8.79 16.05 22.08
N LEU A 215 -8.79 14.74 21.90
CA LEU A 215 -8.50 14.11 20.63
C LEU A 215 -9.76 13.48 20.08
N PRO A 216 -10.07 13.69 18.80
CA PRO A 216 -11.27 13.09 18.22
C PRO A 216 -11.18 11.57 18.22
N LEU A 217 -12.29 10.92 18.57
CA LEU A 217 -12.36 9.48 18.56
C LEU A 217 -13.06 9.01 17.28
N ARG A 218 -12.41 8.13 16.54
CA ARG A 218 -12.95 7.59 15.29
C ARG A 218 -13.29 6.12 15.48
N VAL A 219 -14.56 5.79 15.31
CA VAL A 219 -15.10 4.47 15.65
C VAL A 219 -15.32 3.66 14.38
N PHE A 220 -14.84 2.42 14.38
CA PHE A 220 -14.96 1.49 13.25
C PHE A 220 -15.68 0.24 13.72
N GLY A 221 -16.84 -0.03 13.14
CA GLY A 221 -17.57 -1.23 13.49
C GLY A 221 -19.03 -1.10 13.09
N LEU A 222 -19.81 -2.06 13.55
CA LEU A 222 -21.22 -2.14 13.20
C LEU A 222 -22.05 -1.62 14.35
N ILE A 223 -22.82 -0.56 14.10
CA ILE A 223 -23.75 -0.04 15.11
C ILE A 223 -24.93 -0.99 15.17
N GLN A 224 -24.88 -1.93 16.11
CA GLN A 224 -25.92 -2.91 16.25
C GLN A 224 -27.10 -2.41 17.06
N ASP A 225 -26.86 -1.44 17.93
CA ASP A 225 -27.90 -0.84 18.76
C ASP A 225 -27.81 0.66 18.51
N GLN A 226 -28.66 1.18 17.62
CA GLN A 226 -28.64 2.60 17.35
C GLN A 226 -29.01 3.40 18.60
N ALA A 227 -29.79 2.81 19.50
CA ALA A 227 -30.07 3.45 20.77
C ALA A 227 -28.80 3.58 21.60
N TYR A 228 -27.99 2.51 21.61
CA TYR A 228 -26.74 2.52 22.38
C TYR A 228 -25.74 3.53 21.83
N TRP A 229 -25.73 3.71 20.51
CA TRP A 229 -24.80 4.65 19.89
C TRP A 229 -25.10 6.06 20.38
N GLN A 230 -26.37 6.43 20.41
CA GLN A 230 -26.78 7.75 20.83
C GLN A 230 -26.36 8.02 22.26
N GLN A 231 -26.37 7.00 23.12
CA GLN A 231 -26.00 7.19 24.52
C GLN A 231 -24.57 7.69 24.69
N ILE A 232 -23.65 7.12 23.91
CA ILE A 232 -22.22 7.40 24.13
C ILE A 232 -21.91 8.87 23.85
N GLN A 233 -22.44 9.42 22.76
CA GLN A 233 -22.21 10.85 22.50
C GLN A 233 -22.82 11.73 23.58
N ASN A 234 -23.87 11.23 24.22
CA ASN A 234 -24.54 11.99 25.26
C ASN A 234 -23.83 11.87 26.60
N ASP A 235 -23.21 10.72 26.88
CA ASP A 235 -22.54 10.51 28.16
C ASP A 235 -21.17 11.20 28.21
N PHE A 236 -20.49 11.33 27.08
CA PHE A 236 -19.18 11.96 26.98
C PHE A 236 -19.39 13.11 26.00
N PRO A 237 -20.00 14.22 26.46
CA PRO A 237 -20.50 15.24 25.52
C PRO A 237 -19.43 16.03 24.79
N LYS A 238 -18.40 16.49 25.48
CA LYS A 238 -17.39 17.34 24.86
C LYS A 238 -16.38 16.57 24.01
N ALA A 239 -16.55 15.26 23.87
CA ALA A 239 -15.72 14.45 22.99
C ALA A 239 -16.25 14.46 21.55
N GLU A 240 -15.36 14.72 20.60
CA GLU A 240 -15.71 14.70 19.18
C GLU A 240 -15.62 13.25 18.70
N ILE A 241 -16.75 12.56 18.71
CA ILE A 241 -16.82 11.16 18.28
C ILE A 241 -17.35 11.11 16.86
N HIS A 242 -16.71 10.28 16.02
CA HIS A 242 -17.09 10.16 14.62
C HIS A 242 -17.35 8.70 14.29
N TYR A 243 -18.40 8.46 13.51
CA TYR A 243 -18.66 7.13 12.99
C TYR A 243 -18.02 6.99 11.62
N GLU A 244 -17.22 5.95 11.45
CA GLU A 244 -16.57 5.67 10.18
C GLU A 244 -17.17 4.45 9.48
N GLY A 245 -18.16 3.80 10.08
CA GLY A 245 -18.88 2.73 9.42
C GLY A 245 -18.26 1.36 9.62
N PHE A 246 -19.00 0.36 9.17
CA PHE A 246 -18.51 -1.02 9.15
C PHE A 246 -17.83 -1.24 7.80
N LEU A 247 -16.51 -1.24 7.81
CA LEU A 247 -15.73 -1.28 6.57
C LEU A 247 -15.01 -2.59 6.39
N SER A 248 -14.63 -2.84 5.15
CA SER A 248 -13.83 -4.01 4.80
C SER A 248 -12.36 -3.75 5.18
N THR A 249 -11.51 -4.74 4.92
CA THR A 249 -10.10 -4.59 5.24
C THR A 249 -9.51 -3.39 4.52
N HIS A 250 -9.89 -3.18 3.24
CA HIS A 250 -9.30 -2.09 2.48
C HIS A 250 -9.78 -0.74 2.98
N GLU A 251 -11.08 -0.58 3.14
CA GLU A 251 -11.59 0.72 3.60
C GLU A 251 -11.14 1.02 5.02
N LEU A 252 -10.99 -0.01 5.85
CA LEU A 252 -10.55 0.21 7.22
C LEU A 252 -9.15 0.78 7.26
N GLN A 253 -8.19 0.10 6.63
CA GLN A 253 -6.82 0.57 6.69
C GLN A 253 -6.66 1.89 5.98
N GLN A 254 -7.47 2.16 4.96
CA GLN A 254 -7.42 3.46 4.31
C GLN A 254 -7.67 4.60 5.29
N LYS A 255 -8.44 4.36 6.35
CA LYS A 255 -8.67 5.36 7.37
C LYS A 255 -7.95 5.10 8.69
N LEU A 256 -7.45 3.88 8.92
CA LEU A 256 -6.83 3.59 10.21
C LEU A 256 -5.50 4.34 10.36
N GLY A 257 -4.70 4.40 9.29
CA GLY A 257 -3.40 5.03 9.38
C GLY A 257 -3.43 6.47 9.87
N GLN A 258 -4.53 7.19 9.62
CA GLN A 258 -4.61 8.59 10.03
C GLN A 258 -4.93 8.74 11.51
N SER A 259 -4.66 7.73 12.32
CA SER A 259 -4.91 7.80 13.75
C SER A 259 -3.57 7.87 14.52
N SER A 260 -3.57 8.62 15.62
CA SER A 260 -2.38 8.67 16.45
C SER A 260 -2.18 7.39 17.27
N ALA A 261 -3.27 6.72 17.64
CA ALA A 261 -3.21 5.46 18.36
C ALA A 261 -4.53 4.76 18.18
N LEU A 262 -4.49 3.43 18.27
CA LEU A 262 -5.70 2.61 18.33
C LEU A 262 -5.98 2.28 19.78
N LEU A 263 -7.16 2.66 20.26
CA LEU A 263 -7.57 2.35 21.62
C LEU A 263 -8.34 1.04 21.62
N MET A 264 -7.87 0.08 22.41
CA MET A 264 -8.58 -1.18 22.57
C MET A 264 -8.85 -1.37 24.05
N THR A 265 -10.12 -1.16 24.42
CA THR A 265 -10.56 -1.03 25.81
C THR A 265 -11.61 -2.06 26.18
N PRO A 266 -11.25 -3.34 26.27
CA PRO A 266 -12.23 -4.38 26.59
C PRO A 266 -12.66 -4.36 28.04
N ARG A 267 -13.92 -4.75 28.28
CA ARG A 267 -14.39 -4.92 29.66
C ARG A 267 -14.35 -6.36 30.15
N TRP A 268 -14.11 -7.31 29.25
CA TRP A 268 -13.94 -8.72 29.55
C TRP A 268 -12.82 -9.21 28.65
N ILE A 269 -12.46 -10.49 28.74
CA ILE A 269 -11.39 -10.98 27.88
C ILE A 269 -11.87 -10.93 26.44
N GLU A 270 -11.18 -10.09 25.66
CA GLU A 270 -11.55 -9.71 24.32
C GLU A 270 -10.80 -10.51 23.26
N ALA A 271 -11.51 -10.91 22.20
CA ALA A 271 -10.96 -11.68 21.09
C ALA A 271 -11.09 -10.98 19.73
N PHE A 272 -11.59 -9.75 19.65
CA PHE A 272 -11.72 -9.09 18.34
C PHE A 272 -10.47 -8.28 18.03
N GLY A 273 -9.30 -8.92 18.20
CA GLY A 273 -8.03 -8.30 17.89
C GLY A 273 -7.86 -8.13 16.40
N ASN A 274 -6.64 -8.30 15.90
CA ASN A 274 -6.28 -8.01 14.51
C ASN A 274 -6.44 -6.54 14.20
N ALA A 275 -7.24 -5.85 15.01
CA ALA A 275 -7.25 -4.42 14.95
C ALA A 275 -5.87 -3.91 15.34
N ALA A 276 -5.26 -4.55 16.34
CA ALA A 276 -3.89 -4.24 16.71
C ALA A 276 -2.93 -4.60 15.60
N ILE A 277 -3.04 -5.81 15.07
CA ILE A 277 -2.10 -6.27 14.05
C ILE A 277 -2.19 -5.39 12.81
N GLU A 278 -3.40 -5.02 12.43
CA GLU A 278 -3.58 -4.13 11.29
C GLU A 278 -3.16 -2.69 11.62
N ALA A 279 -3.41 -2.23 12.85
CA ALA A 279 -2.92 -0.88 13.18
C ALA A 279 -1.41 -0.83 13.12
N PHE A 280 -0.74 -1.91 13.48
CA PHE A 280 0.72 -1.97 13.30
C PHE A 280 1.08 -1.89 11.83
N ALA A 281 0.27 -2.51 10.97
CA ALA A 281 0.51 -2.42 9.53
C ALA A 281 0.42 -0.98 9.05
N CYS A 282 -0.47 -0.19 9.64
CA CYS A 282 -0.64 1.20 9.27
C CYS A 282 0.29 2.14 10.04
N GLY A 283 1.19 1.60 10.86
CA GLY A 283 2.05 2.44 11.67
C GLY A 283 1.36 3.07 12.86
N VAL A 284 0.20 2.55 13.26
CA VAL A 284 -0.54 3.09 14.41
C VAL A 284 -0.18 2.29 15.64
N PRO A 285 0.38 2.93 16.68
CA PRO A 285 0.61 2.22 17.94
C PRO A 285 -0.71 1.92 18.64
N VAL A 286 -0.67 0.89 19.49
CA VAL A 286 -1.86 0.35 20.13
C VAL A 286 -1.82 0.63 21.63
N ILE A 287 -2.83 1.30 22.14
CA ILE A 287 -3.01 1.48 23.58
C ILE A 287 -4.16 0.59 24.02
N SER A 288 -3.87 -0.49 24.73
CA SER A 288 -4.89 -1.45 25.09
C SER A 288 -4.79 -1.85 26.55
N TYR A 289 -5.93 -2.25 27.10
CA TYR A 289 -5.98 -2.88 28.41
C TYR A 289 -5.25 -4.23 28.36
N ARG A 290 -4.69 -4.62 29.51
CA ARG A 290 -4.04 -5.92 29.65
C ARG A 290 -5.04 -7.07 29.60
N SER A 291 -5.38 -7.57 28.41
CA SER A 291 -6.42 -8.60 28.29
C SER A 291 -6.15 -9.51 27.11
N GLY A 292 -6.14 -10.82 27.39
CA GLY A 292 -6.05 -11.85 26.38
C GLY A 292 -4.80 -11.74 25.54
N GLY A 293 -4.96 -11.89 24.23
CA GLY A 293 -3.80 -11.94 23.36
C GLY A 293 -3.07 -10.63 23.16
N LEU A 294 -3.73 -9.49 23.43
CA LEU A 294 -3.10 -8.20 23.24
C LEU A 294 -1.82 -8.04 24.04
N THR A 295 -1.77 -8.62 25.24
CA THR A 295 -0.57 -8.50 26.07
C THR A 295 0.66 -9.12 25.40
N GLU A 296 0.45 -10.03 24.44
CA GLU A 296 1.59 -10.59 23.72
C GLU A 296 1.94 -9.82 22.46
N ILE A 297 1.01 -8.99 21.97
CA ILE A 297 1.24 -8.20 20.77
C ILE A 297 1.78 -6.82 21.12
N VAL A 298 1.12 -6.14 22.04
CA VAL A 298 1.54 -4.81 22.43
C VAL A 298 2.82 -4.94 23.24
N ARG A 299 3.94 -4.51 22.68
CA ARG A 299 5.21 -4.45 23.40
C ARG A 299 5.26 -3.10 24.11
N HIS A 300 5.10 -3.12 25.43
CA HIS A 300 4.92 -1.89 26.19
C HIS A 300 6.11 -0.97 26.04
N GLY A 301 5.84 0.30 25.70
CA GLY A 301 6.86 1.29 25.51
C GLY A 301 7.57 1.22 24.17
N LYS A 302 7.33 0.16 23.39
CA LYS A 302 8.00 -0.03 22.11
C LYS A 302 7.05 0.13 20.93
N THR A 303 5.94 -0.63 20.90
CA THR A 303 4.97 -0.50 19.83
C THR A 303 3.60 -0.08 20.37
N GLY A 304 3.54 0.38 21.61
CA GLY A 304 2.28 0.76 22.21
C GLY A 304 2.41 0.77 23.73
N PHE A 305 1.26 0.71 24.39
CA PHE A 305 1.20 0.68 25.84
C PHE A 305 0.13 -0.32 26.26
N LEU A 306 0.40 -0.99 27.37
CA LEU A 306 -0.57 -1.86 28.03
C LEU A 306 -1.04 -1.18 29.30
N VAL A 307 -2.35 -1.18 29.52
CA VAL A 307 -2.96 -0.48 30.64
C VAL A 307 -3.71 -1.48 31.51
N ASP A 308 -3.71 -1.23 32.82
CA ASP A 308 -4.50 -2.01 33.76
C ASP A 308 -5.98 -2.04 33.37
N MET A 309 -6.58 -3.22 33.40
CA MET A 309 -7.96 -3.42 32.97
C MET A 309 -8.88 -2.42 33.65
N GLY A 310 -9.66 -1.70 32.85
CA GLY A 310 -10.63 -0.81 33.41
C GLY A 310 -10.10 0.55 33.80
N SER A 311 -8.79 0.74 33.75
CA SER A 311 -8.19 2.02 34.16
C SER A 311 -8.31 3.02 33.02
N VAL A 312 -9.34 3.86 33.11
CA VAL A 312 -9.46 4.94 32.14
C VAL A 312 -8.33 5.95 32.32
N ALA A 313 -7.93 6.22 33.57
CA ALA A 313 -6.79 7.09 33.81
C ALA A 313 -5.52 6.52 33.18
N GLY A 314 -5.42 5.19 33.11
CA GLY A 314 -4.26 4.61 32.47
C GLY A 314 -4.25 4.87 30.99
N LEU A 315 -5.42 4.81 30.35
CA LEU A 315 -5.53 5.12 28.93
C LEU A 315 -5.17 6.57 28.67
N ILE A 316 -5.58 7.49 29.55
CA ILE A 316 -5.31 8.89 29.33
C ILE A 316 -3.82 9.17 29.42
N GLU A 317 -3.16 8.62 30.44
CA GLU A 317 -1.72 8.78 30.54
C GLU A 317 -1.02 8.19 29.33
N ALA A 318 -1.47 7.02 28.87
CA ALA A 318 -0.81 6.41 27.74
C ALA A 318 -0.95 7.27 26.48
N VAL A 319 -2.11 7.90 26.30
CA VAL A 319 -2.29 8.76 25.13
C VAL A 319 -1.34 9.93 25.20
N SER A 320 -1.11 10.45 26.41
CA SER A 320 -0.19 11.57 26.59
C SER A 320 1.25 11.21 26.26
N LYS A 321 1.59 9.92 26.15
CA LYS A 321 2.97 9.50 25.88
C LYS A 321 3.14 8.99 24.46
N LEU A 322 2.14 9.16 23.60
CA LEU A 322 2.20 8.62 22.25
C LEU A 322 3.45 9.06 21.52
N GLU A 323 3.94 10.26 21.81
CA GLU A 323 5.10 10.75 21.07
C GLU A 323 6.31 9.86 21.26
N THR A 324 6.39 9.12 22.36
CA THR A 324 7.51 8.24 22.62
C THR A 324 7.46 6.94 21.83
N ILE A 325 6.43 6.69 21.04
CA ILE A 325 6.31 5.43 20.32
C ILE A 325 6.67 5.69 18.87
N ASP A 326 7.74 5.06 18.41
CA ASP A 326 8.15 5.17 17.01
C ASP A 326 7.19 4.40 16.13
N ARG A 327 6.46 5.11 15.26
CA ARG A 327 5.51 4.42 14.41
C ARG A 327 6.20 3.42 13.49
N LEU A 328 7.46 3.67 13.15
CA LEU A 328 8.20 2.68 12.37
C LEU A 328 8.35 1.38 13.14
N ALA A 329 8.46 1.44 14.46
CA ALA A 329 8.60 0.20 15.23
C ALA A 329 7.36 -0.69 15.10
N CYS A 330 6.17 -0.09 15.06
CA CYS A 330 4.95 -0.90 14.89
C CYS A 330 5.00 -1.65 13.57
N ARG A 331 5.33 -0.93 12.50
CA ARG A 331 5.42 -1.56 11.19
C ARG A 331 6.49 -2.64 11.18
N GLN A 332 7.61 -2.39 11.85
CA GLN A 332 8.72 -3.35 11.85
C GLN A 332 8.35 -4.62 12.60
N GLN A 333 7.59 -4.51 13.69
CA GLN A 333 7.12 -5.72 14.35
C GLN A 333 6.28 -6.55 13.41
N LEU A 334 5.40 -5.91 12.65
CA LEU A 334 4.54 -6.61 11.72
C LEU A 334 5.33 -7.26 10.60
N GLU A 335 6.45 -6.67 10.22
CA GLU A 335 7.24 -7.29 9.18
C GLU A 335 7.97 -8.51 9.68
N GLU A 336 8.40 -8.50 10.94
CA GLU A 336 9.15 -9.61 11.52
C GLU A 336 8.24 -10.71 12.08
N GLU A 337 7.04 -10.35 12.52
CA GLU A 337 6.01 -11.28 12.97
C GLU A 337 4.70 -10.84 12.34
N TYR A 338 3.77 -11.77 12.13
CA TYR A 338 2.47 -11.43 11.52
C TYR A 338 2.55 -11.05 10.04
N SER A 339 3.56 -11.53 9.32
CA SER A 339 3.63 -11.35 7.86
C SER A 339 3.55 -12.70 7.16
N LEU A 340 3.08 -12.67 5.92
CA LEU A 340 2.86 -13.91 5.17
C LEU A 340 4.15 -14.67 4.93
N GLU A 341 5.28 -13.98 4.86
CA GLU A 341 6.55 -14.67 4.66
C GLU A 341 6.91 -15.53 5.88
N VAL A 342 6.85 -14.95 7.08
CA VAL A 342 7.22 -15.71 8.27
C VAL A 342 6.12 -16.73 8.61
N TRP A 343 4.86 -16.33 8.42
CA TRP A 343 3.75 -17.23 8.73
C TRP A 343 3.71 -18.40 7.74
N GLY A 344 3.93 -18.12 6.46
CA GLY A 344 4.00 -19.19 5.48
C GLY A 344 5.14 -20.15 5.76
N ASP A 345 6.19 -19.68 6.43
CA ASP A 345 7.24 -20.58 6.86
C ASP A 345 6.77 -21.49 7.98
N ARG A 346 6.05 -20.94 8.97
CA ARG A 346 5.62 -21.75 10.10
C ARG A 346 4.61 -22.81 9.66
N LEU A 347 3.62 -22.44 8.85
CA LEU A 347 2.69 -23.45 8.33
C LEU A 347 3.43 -24.51 7.54
N GLU A 348 4.36 -24.09 6.68
CA GLU A 348 5.12 -25.06 5.89
C GLU A 348 5.87 -26.03 6.79
N LYS A 349 6.61 -25.51 7.78
CA LYS A 349 7.30 -26.40 8.72
C LYS A 349 6.30 -27.26 9.47
N TRP A 350 5.14 -26.71 9.80
CA TRP A 350 4.12 -27.45 10.55
C TRP A 350 3.57 -28.62 9.73
N PHE A 351 3.19 -28.36 8.48
CA PHE A 351 2.62 -29.42 7.65
C PHE A 351 3.63 -30.52 7.37
N GLU A 352 4.86 -30.13 7.06
CA GLU A 352 5.88 -31.14 6.74
C GLU A 352 6.09 -32.09 7.92
N GLN A 353 6.08 -31.57 9.15
CA GLN A 353 6.10 -32.45 10.31
C GLN A 353 4.93 -33.42 10.26
N LEU A 354 3.72 -32.92 9.96
CA LEU A 354 2.55 -33.77 9.94
C LEU A 354 2.61 -34.78 8.81
N ILE A 355 3.03 -34.36 7.62
CA ILE A 355 3.05 -35.29 6.50
C ILE A 355 4.06 -36.41 6.77
N THR A 356 5.25 -36.04 7.26
CA THR A 356 6.25 -37.06 7.57
C THR A 356 5.84 -37.92 8.76
N SER A 357 5.22 -37.32 9.79
CA SER A 357 4.80 -38.11 10.95
C SER A 357 3.61 -39.00 10.62
N TYR A 358 2.70 -38.52 9.76
CA TYR A 358 1.59 -39.36 9.36
C TYR A 358 2.08 -40.55 8.56
N THR A 359 3.11 -40.36 7.72
CA THR A 359 3.70 -41.44 6.95
C THR A 359 4.32 -42.46 7.90
N LYS B 3 -14.24 27.77 -3.36
CA LYS B 3 -14.67 27.67 -4.75
C LYS B 3 -14.29 26.31 -5.34
N LYS B 4 -15.28 25.55 -5.80
CA LYS B 4 -15.05 24.25 -6.44
C LYS B 4 -15.12 24.40 -7.96
N TYR B 5 -13.98 24.19 -8.62
CA TYR B 5 -13.79 24.46 -10.04
C TYR B 5 -14.13 23.25 -10.91
N ARG B 6 -14.47 23.54 -12.17
CA ARG B 6 -14.62 22.54 -13.21
C ARG B 6 -13.48 22.72 -14.22
N LEU B 7 -12.69 21.66 -14.42
CA LEU B 7 -11.41 21.72 -15.13
C LEU B 7 -11.42 20.80 -16.35
N LEU B 8 -10.83 21.28 -17.44
CA LEU B 8 -10.66 20.48 -18.66
C LEU B 8 -9.17 20.22 -18.86
N PHE B 9 -8.77 18.95 -18.83
CA PHE B 9 -7.38 18.54 -18.99
C PHE B 9 -7.16 18.12 -20.44
N LEU B 10 -6.11 18.67 -21.07
CA LEU B 10 -5.76 18.33 -22.44
C LEU B 10 -4.48 17.50 -22.40
N SER B 11 -4.57 16.25 -22.87
CA SER B 11 -3.50 15.30 -22.67
C SER B 11 -2.44 15.45 -23.76
N THR B 12 -1.45 14.58 -23.71
CA THR B 12 -0.45 14.57 -24.76
C THR B 12 -1.04 13.99 -26.03
N PRO B 13 -0.62 14.47 -27.20
CA PRO B 13 -1.05 13.84 -28.45
C PRO B 13 -0.17 12.68 -28.89
N VAL B 14 0.89 12.37 -28.16
CA VAL B 14 1.79 11.27 -28.50
C VAL B 14 1.19 9.96 -27.97
N GLY B 15 0.31 9.34 -28.75
CA GLY B 15 -0.30 8.07 -28.32
C GLY B 15 -1.60 8.30 -27.56
N ALA B 16 -2.05 7.25 -26.87
CA ALA B 16 -3.28 7.27 -26.06
C ALA B 16 -2.98 6.98 -24.59
N LEU B 17 -3.90 7.41 -23.71
CA LEU B 17 -3.76 7.11 -22.29
C LEU B 17 -3.84 5.61 -22.04
N GLY B 18 -2.87 5.08 -21.31
CA GLY B 18 -2.74 3.66 -21.13
C GLY B 18 -1.80 2.99 -22.11
N SER B 19 -1.51 3.63 -23.24
CA SER B 19 -0.54 3.06 -24.16
C SER B 19 0.88 3.16 -23.63
N GLY B 20 1.12 4.04 -22.66
CA GLY B 20 2.46 4.28 -22.18
C GLY B 20 3.34 4.95 -23.20
N ILE B 21 2.79 5.31 -24.36
CA ILE B 21 3.60 5.91 -25.41
C ILE B 21 3.91 7.36 -25.06
N GLY B 22 3.00 8.03 -24.35
CA GLY B 22 3.29 9.38 -23.92
C GLY B 22 4.31 9.45 -22.79
N GLY B 23 4.52 8.34 -22.08
CA GLY B 23 5.51 8.32 -21.04
C GLY B 23 4.89 8.73 -19.72
N GLY B 24 5.72 9.28 -18.83
CA GLY B 24 5.27 9.63 -17.50
C GLY B 24 4.18 10.68 -17.47
N VAL B 25 4.00 11.40 -18.57
CA VAL B 25 2.97 12.44 -18.60
C VAL B 25 1.60 11.79 -18.43
N GLU B 26 1.42 10.61 -19.03
CA GLU B 26 0.19 9.85 -18.81
C GLU B 26 -0.10 9.68 -17.34
N LEU B 27 0.93 9.44 -16.53
CA LEU B 27 0.70 9.27 -15.11
C LEU B 27 0.56 10.60 -14.40
N THR B 28 1.38 11.59 -14.79
CA THR B 28 1.28 12.90 -14.16
C THR B 28 -0.10 13.50 -14.36
N LEU B 29 -0.66 13.34 -15.56
CA LEU B 29 -2.00 13.84 -15.86
C LEU B 29 -3.05 13.18 -14.96
N GLN B 30 -3.09 11.84 -14.94
CA GLN B 30 -4.14 11.18 -14.17
C GLN B 30 -3.96 11.43 -12.67
N ASN B 31 -2.70 11.48 -12.21
CA ASN B 31 -2.46 11.78 -10.80
C ASN B 31 -2.91 13.19 -10.45
N ALA B 32 -2.75 14.15 -11.38
CA ALA B 32 -3.25 15.51 -11.18
C ALA B 32 -4.77 15.52 -11.13
N ALA B 33 -5.41 14.73 -11.99
CA ALA B 33 -6.86 14.60 -11.92
C ALA B 33 -7.29 14.05 -10.56
N LYS B 34 -6.65 12.94 -10.13
CA LYS B 34 -6.99 12.38 -8.83
C LYS B 34 -6.84 13.43 -7.72
N ALA B 35 -5.72 14.16 -7.71
CA ALA B 35 -5.47 15.11 -6.64
C ALA B 35 -6.52 16.21 -6.62
N LEU B 36 -6.84 16.78 -7.78
CA LEU B 36 -7.80 17.88 -7.81
C LEU B 36 -9.21 17.40 -7.55
N MET B 37 -9.55 16.19 -8.01
CA MET B 37 -10.88 15.65 -7.72
C MET B 37 -11.07 15.41 -6.23
N ALA B 38 -10.01 14.97 -5.54
CA ALA B 38 -10.11 14.77 -4.10
C ALA B 38 -10.23 16.08 -3.34
N LYS B 39 -9.93 17.21 -3.97
CA LYS B 39 -10.15 18.52 -3.34
C LYS B 39 -11.54 19.09 -3.65
N GLY B 40 -12.39 18.35 -4.34
CA GLY B 40 -13.73 18.79 -4.62
C GLY B 40 -13.95 19.40 -6.00
N HIS B 41 -13.07 19.13 -6.96
CA HIS B 41 -13.16 19.69 -8.29
C HIS B 41 -13.59 18.62 -9.29
N GLU B 42 -14.23 19.06 -10.36
CA GLU B 42 -14.60 18.19 -11.46
C GLU B 42 -13.57 18.33 -12.57
N VAL B 43 -13.19 17.20 -13.16
CA VAL B 43 -12.15 17.17 -14.16
C VAL B 43 -12.63 16.35 -15.34
N GLU B 44 -12.51 16.90 -16.55
CA GLU B 44 -12.74 16.17 -17.78
C GLU B 44 -11.44 16.09 -18.56
N ILE B 45 -11.10 14.89 -19.02
CA ILE B 45 -9.89 14.64 -19.76
C ILE B 45 -10.22 14.56 -21.24
N VAL B 46 -9.51 15.34 -22.04
CA VAL B 46 -9.54 15.26 -23.49
C VAL B 46 -8.25 14.59 -23.92
N ALA B 47 -8.36 13.54 -24.75
CA ALA B 47 -7.20 12.73 -25.07
C ALA B 47 -7.47 11.98 -26.36
N PRO B 48 -6.43 11.45 -27.01
CA PRO B 48 -6.60 10.79 -28.32
C PRO B 48 -7.52 9.58 -28.34
N GLU B 49 -7.68 9.00 -29.53
CA GLU B 49 -8.44 7.77 -29.68
C GLU B 49 -7.65 6.60 -29.07
N GLY B 50 -8.37 5.70 -28.40
CA GLY B 50 -7.77 4.59 -27.69
C GLY B 50 -7.37 4.86 -26.24
N SER B 51 -7.67 6.05 -25.71
CA SER B 51 -7.33 6.38 -24.34
C SER B 51 -8.35 5.82 -23.37
N VAL B 52 -7.86 5.33 -22.23
CA VAL B 52 -8.69 4.78 -21.17
C VAL B 52 -8.18 5.31 -19.84
N THR B 53 -9.11 5.66 -18.96
CA THR B 53 -8.73 6.01 -17.60
C THR B 53 -9.85 5.58 -16.67
N ASN B 54 -9.48 5.23 -15.45
CA ASN B 54 -10.46 4.97 -14.42
C ASN B 54 -10.66 6.17 -13.51
N VAL B 55 -10.05 7.30 -13.85
CA VAL B 55 -10.01 8.43 -12.93
C VAL B 55 -11.24 9.33 -13.07
N THR B 56 -11.62 9.71 -14.28
CA THR B 56 -12.72 10.66 -14.42
C THR B 56 -13.25 10.61 -15.85
N LYS B 57 -14.17 11.54 -16.16
CA LYS B 57 -14.76 11.61 -17.49
C LYS B 57 -13.69 11.85 -18.56
N LEU B 58 -13.75 11.06 -19.63
CA LEU B 58 -12.82 11.17 -20.75
C LEU B 58 -13.60 11.26 -22.06
N THR B 59 -13.32 12.31 -22.85
CA THR B 59 -13.86 12.41 -24.20
C THR B 59 -12.74 12.18 -25.22
N PRO B 60 -12.72 11.05 -25.93
CA PRO B 60 -11.65 10.80 -26.89
C PRO B 60 -11.87 11.55 -28.19
N ILE B 61 -10.76 11.81 -28.89
CA ILE B 61 -10.76 12.63 -30.08
C ILE B 61 -9.84 12.01 -31.12
N ALA B 62 -10.37 11.78 -32.32
CA ALA B 62 -9.64 11.10 -33.38
C ALA B 62 -8.70 12.06 -34.10
N GLY B 63 -7.67 11.49 -34.70
CA GLY B 63 -6.72 12.28 -35.45
C GLY B 63 -5.44 11.51 -35.72
N ASN B 64 -4.45 12.24 -36.19
CA ASN B 64 -3.14 11.67 -36.46
C ASN B 64 -2.27 11.91 -35.26
N SER B 65 -1.71 10.83 -34.73
CA SER B 65 -0.83 10.94 -33.58
C SER B 65 0.41 11.73 -33.96
N GLN B 66 0.86 12.56 -33.04
CA GLN B 66 2.00 13.41 -33.31
C GLN B 66 3.28 12.73 -32.87
N VAL B 67 4.36 13.03 -33.60
CA VAL B 67 5.68 12.51 -33.24
C VAL B 67 6.10 13.12 -31.90
N SER B 68 6.76 12.31 -31.06
CA SER B 68 7.21 12.79 -29.77
C SER B 68 8.25 13.89 -29.95
N ALA B 69 8.24 14.86 -29.04
CA ALA B 69 9.22 15.93 -29.11
C ALA B 69 10.59 15.48 -28.65
N GLN B 70 10.70 14.26 -28.10
CA GLN B 70 12.01 13.71 -27.74
C GLN B 70 12.78 13.22 -28.95
N THR B 71 12.08 12.92 -30.04
CA THR B 71 12.77 12.53 -31.27
C THR B 71 13.20 13.75 -32.09
N GLN B 72 12.46 14.85 -32.01
CA GLN B 72 12.85 16.08 -32.69
C GLN B 72 13.50 16.99 -31.66
N VAL B 73 14.79 16.76 -31.40
CA VAL B 73 15.53 17.54 -30.42
C VAL B 73 16.28 18.64 -31.16
N GLY B 74 15.96 19.88 -30.84
CA GLY B 74 16.62 21.01 -31.45
C GLY B 74 15.98 21.54 -32.70
N THR B 75 14.77 21.09 -33.05
CA THR B 75 14.18 21.55 -34.30
C THR B 75 13.77 23.00 -34.18
N ASP B 76 13.87 23.71 -35.30
CA ASP B 76 13.32 25.05 -35.41
C ASP B 76 12.07 25.06 -36.30
N MET B 77 11.40 23.92 -36.43
CA MET B 77 10.20 23.77 -37.24
C MET B 77 9.04 23.33 -36.35
N VAL B 78 7.83 23.67 -36.76
CA VAL B 78 6.63 23.15 -36.13
C VAL B 78 5.93 22.30 -37.18
N VAL B 79 5.79 21.00 -36.88
CA VAL B 79 5.24 20.02 -37.82
C VAL B 79 4.02 19.40 -37.17
N LEU B 80 2.88 19.49 -37.85
CA LEU B 80 1.66 18.88 -37.39
C LEU B 80 1.07 18.06 -38.53
N PRO B 81 0.72 16.80 -38.30
CA PRO B 81 0.09 16.00 -39.34
C PRO B 81 -1.28 16.54 -39.73
N GLN B 82 -1.78 16.07 -40.87
CA GLN B 82 -3.13 16.41 -41.28
C GLN B 82 -4.13 15.81 -40.30
N ASP B 83 -5.16 16.60 -39.99
CA ASP B 83 -6.17 16.21 -39.01
C ASP B 83 -5.49 15.78 -37.70
N SER B 84 -4.51 16.58 -37.26
CA SER B 84 -3.73 16.21 -36.09
C SER B 84 -4.61 16.13 -34.86
N VAL B 85 -4.33 15.13 -34.00
CA VAL B 85 -5.10 15.00 -32.77
C VAL B 85 -5.01 16.29 -31.98
N LEU B 86 -3.81 16.85 -31.91
CA LEU B 86 -3.59 18.07 -31.13
C LEU B 86 -4.49 19.21 -31.59
N GLU B 87 -4.62 19.42 -32.91
CA GLU B 87 -5.47 20.51 -33.38
C GLU B 87 -6.95 20.22 -33.09
N ASN B 88 -7.39 18.98 -33.34
CA ASN B 88 -8.80 18.69 -33.10
C ASN B 88 -9.12 18.71 -31.61
N MET B 89 -8.16 18.33 -30.76
CA MET B 89 -8.36 18.44 -29.31
C MET B 89 -8.58 19.90 -28.90
N TRP B 90 -7.80 20.81 -29.47
CA TRP B 90 -7.97 22.20 -29.07
C TRP B 90 -9.18 22.84 -29.73
N SER B 91 -9.59 22.34 -30.90
CA SER B 91 -10.89 22.74 -31.45
C SER B 91 -12.01 22.39 -30.48
N TYR B 92 -12.00 21.16 -29.96
CA TYR B 92 -12.98 20.78 -28.94
C TYR B 92 -12.87 21.70 -27.74
N ALA B 93 -11.64 22.01 -27.32
CA ALA B 93 -11.46 22.90 -26.18
C ALA B 93 -12.11 24.26 -26.45
N ARG B 94 -11.96 24.79 -27.68
CA ARG B 94 -12.61 26.05 -28.01
C ARG B 94 -14.13 25.91 -27.99
N GLU B 95 -14.62 24.75 -28.45
CA GLU B 95 -16.07 24.54 -28.47
C GLU B 95 -16.66 24.59 -27.07
N VAL B 96 -15.95 24.02 -26.08
CA VAL B 96 -16.53 23.78 -24.78
C VAL B 96 -15.98 24.69 -23.71
N GLN B 97 -15.11 25.64 -24.07
CA GLN B 97 -14.38 26.40 -23.07
C GLN B 97 -15.28 27.18 -22.13
N ASP B 98 -16.50 27.51 -22.53
CA ASP B 98 -17.37 28.31 -21.67
C ASP B 98 -17.89 27.52 -20.48
N GLN B 99 -17.87 26.19 -20.57
CA GLN B 99 -18.39 25.37 -19.48
C GLN B 99 -17.40 25.23 -18.34
N PHE B 100 -16.15 25.66 -18.50
CA PHE B 100 -15.10 25.41 -17.52
C PHE B 100 -14.56 26.71 -16.96
N ASP B 101 -13.75 26.58 -15.93
CA ASP B 101 -13.07 27.71 -15.31
C ASP B 101 -11.64 27.82 -15.76
N LEU B 102 -11.00 26.69 -16.04
CA LEU B 102 -9.60 26.65 -16.41
C LEU B 102 -9.35 25.44 -17.28
N LEU B 103 -8.41 25.59 -18.21
CA LEU B 103 -7.97 24.50 -19.06
C LEU B 103 -6.54 24.16 -18.68
N PHE B 104 -6.22 22.88 -18.58
CA PHE B 104 -4.90 22.49 -18.13
C PHE B 104 -4.28 21.63 -19.23
N ASN B 105 -3.18 22.13 -19.79
CA ASN B 105 -2.50 21.50 -20.92
C ASN B 105 -1.26 20.76 -20.46
N PHE B 106 -1.10 19.53 -20.97
CA PHE B 106 0.05 18.67 -20.74
C PHE B 106 0.90 18.45 -21.98
N ALA B 107 0.45 18.94 -23.14
CA ALA B 107 1.15 18.69 -24.37
C ALA B 107 2.41 19.55 -24.45
N TYR B 108 3.51 18.96 -24.90
CA TYR B 108 4.79 19.68 -25.04
C TYR B 108 4.96 20.11 -26.50
N ASP B 109 4.14 21.08 -26.90
CA ASP B 109 4.07 21.42 -28.32
C ASP B 109 3.81 22.90 -28.53
N TRP B 110 4.01 23.33 -29.77
CA TRP B 110 3.84 24.74 -30.11
C TRP B 110 2.38 25.17 -30.06
N LEU B 111 1.47 24.38 -30.65
CA LEU B 111 0.09 24.82 -30.82
C LEU B 111 -0.61 25.18 -29.51
N PRO B 112 -0.58 24.35 -28.46
CA PRO B 112 -1.26 24.77 -27.22
C PRO B 112 -0.67 26.05 -26.65
N LEU B 113 0.65 26.23 -26.71
CA LEU B 113 1.19 27.50 -26.25
C LEU B 113 0.70 28.66 -27.10
N TYR B 114 0.70 28.49 -28.44
CA TYR B 114 0.32 29.59 -29.31
C TYR B 114 -1.15 29.96 -29.15
N LEU B 115 -2.03 28.96 -29.00
CA LEU B 115 -3.46 29.20 -28.87
C LEU B 115 -3.85 29.84 -27.54
N THR B 116 -2.92 29.96 -26.59
CA THR B 116 -3.32 30.41 -25.26
C THR B 116 -4.05 31.75 -25.27
N PRO B 117 -3.56 32.82 -25.93
CA PRO B 117 -4.32 34.07 -25.91
C PRO B 117 -5.58 34.05 -26.76
N PHE B 118 -5.81 32.99 -27.54
CA PHE B 118 -7.00 32.91 -28.39
C PHE B 118 -8.21 32.38 -27.65
N PHE B 119 -8.01 31.79 -26.48
CA PHE B 119 -9.14 31.39 -25.65
C PHE B 119 -9.60 32.55 -24.79
N HIS B 120 -10.88 32.50 -24.37
CA HIS B 120 -11.39 33.45 -23.40
C HIS B 120 -11.58 32.83 -22.02
N ARG B 121 -10.88 31.74 -21.75
CA ARG B 121 -10.72 31.13 -20.44
C ARG B 121 -9.23 31.00 -20.15
N PRO B 122 -8.84 30.98 -18.87
CA PRO B 122 -7.41 30.83 -18.55
C PRO B 122 -6.92 29.41 -18.82
N ILE B 123 -5.72 29.31 -19.36
CA ILE B 123 -5.05 28.05 -19.64
C ILE B 123 -3.80 27.96 -18.79
N ALA B 124 -3.60 26.80 -18.17
CA ALA B 124 -2.37 26.50 -17.46
C ALA B 124 -1.63 25.40 -18.22
N HIS B 125 -0.31 25.49 -18.23
CA HIS B 125 0.53 24.55 -18.97
C HIS B 125 1.45 23.85 -17.99
N TRP B 126 1.53 22.54 -18.13
CA TRP B 126 2.47 21.71 -17.40
C TRP B 126 3.55 21.29 -18.37
N ILE B 127 4.75 21.83 -18.19
CA ILE B 127 5.90 21.45 -19.00
C ILE B 127 6.60 20.26 -18.31
N SER B 128 6.52 19.11 -18.96
CA SER B 128 6.92 17.82 -18.41
C SER B 128 8.42 17.49 -18.58
N MET B 129 9.11 18.18 -19.48
CA MET B 129 10.50 17.90 -19.82
C MET B 129 11.33 19.18 -19.76
N SER B 130 12.65 19.04 -19.96
CA SER B 130 13.52 20.21 -19.95
C SER B 130 13.45 20.85 -21.33
N SER B 131 14.23 21.90 -21.54
CA SER B 131 14.22 22.60 -22.83
C SER B 131 14.76 21.66 -23.91
N LEU B 132 13.85 21.09 -24.72
CA LEU B 132 14.24 20.23 -25.83
C LEU B 132 14.53 20.95 -27.15
N SER B 133 14.00 22.13 -27.38
CA SER B 133 14.19 22.73 -28.69
C SER B 133 14.15 24.24 -28.55
N PRO B 134 14.79 24.98 -29.47
CA PRO B 134 14.70 26.45 -29.38
C PRO B 134 13.32 26.95 -29.73
N VAL B 135 12.58 26.22 -30.58
CA VAL B 135 11.23 26.66 -30.89
C VAL B 135 10.34 26.56 -29.66
N ILE B 136 10.49 25.50 -28.87
CA ILE B 136 9.69 25.37 -27.66
C ILE B 136 10.18 26.32 -26.57
N ASP B 137 11.50 26.52 -26.47
CA ASP B 137 12.05 27.49 -25.53
C ASP B 137 11.51 28.88 -25.83
N ALA B 138 11.44 29.24 -27.11
CA ALA B 138 10.94 30.55 -27.50
C ALA B 138 9.49 30.73 -27.07
N MET B 139 8.65 29.74 -27.36
CA MET B 139 7.23 29.82 -27.03
C MET B 139 6.99 29.93 -25.53
N VAL B 140 7.74 29.18 -24.73
CA VAL B 140 7.62 29.33 -23.28
C VAL B 140 7.91 30.77 -22.89
N SER B 141 8.96 31.35 -23.48
CA SER B 141 9.27 32.75 -23.23
C SER B 141 8.12 33.66 -23.65
N LYS B 142 7.62 33.51 -24.87
CA LYS B 142 6.51 34.37 -25.31
C LYS B 142 5.30 34.20 -24.41
N THR B 143 5.01 32.97 -24.01
CA THR B 143 3.76 32.72 -23.30
C THR B 143 3.82 33.20 -21.86
N VAL B 144 4.95 33.02 -21.17
CA VAL B 144 5.00 33.49 -19.78
C VAL B 144 5.06 35.01 -19.73
N LYS B 145 5.68 35.66 -20.71
CA LYS B 145 5.64 37.12 -20.73
C LYS B 145 4.24 37.59 -21.06
N LEU B 146 3.55 36.90 -21.95
CA LEU B 146 2.18 37.29 -22.28
C LEU B 146 1.20 36.92 -21.16
N CYS B 147 1.41 35.78 -20.51
CA CYS B 147 0.55 35.36 -19.42
C CYS B 147 1.43 34.94 -18.25
N PRO B 148 1.75 35.85 -17.33
CA PRO B 148 2.60 35.45 -16.21
C PRO B 148 1.94 34.35 -15.39
N GLN B 149 2.78 33.51 -14.80
CA GLN B 149 2.42 32.36 -13.95
C GLN B 149 1.54 31.34 -14.66
N ALA B 150 1.58 31.29 -15.99
CA ALA B 150 0.75 30.39 -16.76
C ALA B 150 1.42 29.04 -17.01
N ILE B 151 2.73 28.96 -16.90
CA ILE B 151 3.48 27.75 -17.23
C ILE B 151 4.17 27.27 -15.97
N ALA B 152 3.97 25.99 -15.64
CA ALA B 152 4.60 25.37 -14.47
C ALA B 152 5.54 24.27 -14.91
N VAL B 153 6.51 23.99 -14.05
CA VAL B 153 7.39 22.84 -14.21
C VAL B 153 7.58 22.20 -12.84
N ASN B 154 8.22 21.04 -12.85
CA ASN B 154 8.35 20.25 -11.63
C ASN B 154 9.46 20.81 -10.73
N THR B 155 10.69 20.85 -11.23
CA THR B 155 11.85 21.22 -10.43
C THR B 155 12.48 22.51 -10.93
N ARG B 156 13.19 23.22 -10.03
CA ARG B 156 14.01 24.35 -10.46
C ARG B 156 15.05 23.93 -11.46
N ALA B 157 15.60 22.74 -11.30
CA ALA B 157 16.60 22.28 -12.26
C ALA B 157 16.02 22.27 -13.64
N CYS B 158 14.75 21.89 -13.78
CA CYS B 158 14.12 21.90 -15.09
C CYS B 158 13.96 23.33 -15.60
N ALA B 159 13.47 24.23 -14.74
CA ALA B 159 13.29 25.62 -15.14
C ALA B 159 14.61 26.28 -15.57
N ASP B 160 15.72 25.91 -14.93
CA ASP B 160 17.02 26.45 -15.31
C ASP B 160 17.39 26.14 -16.76
N THR B 161 16.81 25.11 -17.36
CA THR B 161 17.14 24.82 -18.74
C THR B 161 16.36 25.69 -19.71
N PHE B 162 15.36 26.42 -19.23
CA PHE B 162 14.59 27.32 -20.06
C PHE B 162 15.15 28.73 -19.96
N SER B 163 15.11 29.47 -21.07
CA SER B 163 15.69 30.82 -21.08
C SER B 163 15.01 31.72 -20.07
N ASP B 164 13.74 31.50 -19.80
CA ASP B 164 13.00 32.29 -18.82
C ASP B 164 12.49 31.41 -17.71
N GLY B 165 13.29 30.43 -17.30
CA GLY B 165 12.89 29.58 -16.20
C GLY B 165 12.57 30.38 -14.96
N ASP B 166 13.21 31.54 -14.81
CA ASP B 166 12.92 32.42 -13.69
C ASP B 166 11.46 32.85 -13.66
N ARG B 167 10.76 32.81 -14.78
CA ARG B 167 9.34 33.15 -14.80
C ARG B 167 8.42 31.93 -14.69
N LEU B 168 8.98 30.72 -14.73
CA LEU B 168 8.21 29.49 -14.62
C LEU B 168 7.76 29.23 -13.18
N MET B 169 6.54 28.69 -13.03
CA MET B 169 6.07 28.29 -11.71
C MET B 169 6.64 26.93 -11.36
N ILE B 170 6.99 26.74 -10.10
CA ILE B 170 7.57 25.49 -9.64
C ILE B 170 6.50 24.78 -8.84
N MET B 171 5.98 23.66 -9.36
CA MET B 171 4.89 22.96 -8.71
C MET B 171 5.29 21.61 -8.15
N GLY B 172 6.49 21.14 -8.40
CA GLY B 172 6.84 19.82 -7.94
C GLY B 172 5.97 18.75 -8.58
N LYS B 173 5.77 17.65 -7.87
CA LYS B 173 4.95 16.57 -8.39
C LYS B 173 4.25 15.86 -7.24
N GLY B 174 3.43 14.88 -7.61
CA GLY B 174 2.74 14.06 -6.65
C GLY B 174 2.51 12.66 -7.16
N ILE B 175 2.61 11.70 -6.27
CA ILE B 175 2.33 10.30 -6.58
C ILE B 175 1.38 9.80 -5.51
N ASP B 176 0.67 8.72 -5.84
CA ASP B 176 -0.28 8.12 -4.90
C ASP B 176 0.50 7.26 -3.91
N VAL B 177 0.51 7.70 -2.65
CA VAL B 177 1.29 7.01 -1.62
C VAL B 177 0.78 5.60 -1.42
N THR B 178 -0.51 5.36 -1.66
CA THR B 178 -1.13 4.07 -1.40
C THR B 178 -0.57 2.98 -2.29
N GLN B 179 0.17 3.34 -3.34
CA GLN B 179 0.72 2.40 -4.29
C GLN B 179 2.11 1.89 -3.92
N TYR B 180 2.69 2.40 -2.84
CA TYR B 180 4.07 2.09 -2.50
C TYR B 180 4.11 1.38 -1.16
N ASN B 181 4.80 0.24 -1.14
CA ASN B 181 4.89 -0.56 0.07
C ASN B 181 6.02 -0.03 0.93
N PHE B 182 5.68 0.60 2.04
CA PHE B 182 6.74 1.06 2.95
C PHE B 182 7.37 -0.14 3.66
N VAL B 183 8.68 -0.31 3.48
CA VAL B 183 9.47 -1.34 4.16
C VAL B 183 10.21 -0.68 5.31
N ALA B 184 9.79 -0.98 6.55
CA ALA B 184 10.45 -0.38 7.72
C ALA B 184 11.87 -0.90 7.87
N LYS B 185 12.09 -2.17 7.60
CA LYS B 185 13.45 -2.70 7.67
C LYS B 185 13.67 -3.81 6.65
N PRO B 186 14.55 -3.60 5.66
CA PRO B 186 14.86 -4.67 4.72
C PRO B 186 15.48 -5.87 5.41
N GLU B 187 15.31 -7.02 4.78
CA GLU B 187 15.73 -8.27 5.40
C GLU B 187 17.24 -8.52 5.29
N LYS B 188 17.89 -8.01 4.25
CA LYS B 188 19.34 -8.13 4.10
C LYS B 188 19.85 -6.77 3.66
N PRO B 189 20.99 -6.33 4.16
CA PRO B 189 21.54 -5.05 3.70
C PRO B 189 21.86 -5.13 2.21
N SER B 190 21.58 -4.06 1.48
CA SER B 190 21.85 -4.04 0.05
C SER B 190 21.78 -2.61 -0.46
N LEU B 191 22.42 -2.39 -1.59
CA LEU B 191 22.38 -1.11 -2.29
C LEU B 191 21.62 -1.28 -3.60
N ALA B 192 20.95 -0.22 -4.01
CA ALA B 192 20.11 -0.25 -5.20
C ALA B 192 20.51 0.88 -6.12
N TRP B 193 20.39 0.62 -7.42
CA TRP B 193 20.74 1.60 -8.43
C TRP B 193 19.72 1.51 -9.55
N VAL B 194 19.20 2.65 -10.00
CA VAL B 194 18.16 2.69 -11.00
C VAL B 194 18.55 3.70 -12.07
N GLY B 195 18.60 3.27 -13.32
CA GLY B 195 18.93 4.16 -14.41
C GLY B 195 19.25 3.38 -15.67
N ARG B 196 19.74 4.13 -16.67
CA ARG B 196 20.09 3.55 -17.96
C ARG B 196 21.45 2.86 -17.88
N ILE B 197 21.51 1.62 -18.37
CA ILE B 197 22.71 0.79 -18.25
C ILE B 197 23.52 0.98 -19.53
N SER B 198 24.43 1.95 -19.50
CA SER B 198 25.31 2.25 -20.61
C SER B 198 26.51 3.01 -20.06
N PRO B 199 27.60 3.12 -20.83
CA PRO B 199 28.76 3.88 -20.36
C PRO B 199 28.42 5.32 -20.02
N GLU B 200 29.25 5.91 -19.16
CA GLU B 200 29.06 7.29 -18.69
C GLU B 200 27.68 7.48 -18.03
N LYS B 201 27.17 6.43 -17.40
CA LYS B 201 25.92 6.52 -16.65
C LYS B 201 26.15 6.37 -15.15
N GLY B 202 27.42 6.36 -14.72
CA GLY B 202 27.79 6.32 -13.32
C GLY B 202 27.59 4.99 -12.63
N LEU B 203 27.12 3.97 -13.33
CA LEU B 203 26.99 2.64 -12.72
C LEU B 203 28.33 2.13 -12.23
N GLU B 204 29.43 2.58 -12.84
CA GLU B 204 30.75 2.18 -12.39
C GLU B 204 31.00 2.65 -10.96
N ASP B 205 30.60 3.89 -10.64
CA ASP B 205 30.77 4.38 -9.28
C ASP B 205 29.99 3.52 -8.29
N ALA B 206 28.77 3.13 -8.65
CA ALA B 206 27.97 2.26 -7.79
C ALA B 206 28.62 0.91 -7.59
N ALA B 207 29.31 0.38 -8.60
CA ALA B 207 29.97 -0.91 -8.45
C ALA B 207 31.10 -0.87 -7.43
N GLU B 208 31.91 0.19 -7.45
CA GLU B 208 32.99 0.30 -6.47
C GLU B 208 32.48 0.37 -5.05
N THR B 209 31.55 1.29 -4.77
CA THR B 209 31.02 1.40 -3.42
C THR B 209 30.39 0.09 -2.97
N ALA B 210 29.69 -0.59 -3.87
CA ALA B 210 29.14 -1.89 -3.50
C ALA B 210 30.25 -2.88 -3.20
N GLN B 211 31.34 -2.84 -3.98
CA GLN B 211 32.45 -3.76 -3.74
C GLN B 211 33.16 -3.45 -2.43
N ALA B 212 33.42 -2.17 -2.18
CA ALA B 212 34.21 -1.80 -1.01
C ALA B 212 33.43 -1.92 0.28
N THR B 213 32.11 -1.72 0.24
CA THR B 213 31.29 -1.86 1.43
C THR B 213 30.80 -3.28 1.66
N GLY B 214 30.98 -4.17 0.69
CA GLY B 214 30.51 -5.52 0.85
C GLY B 214 29.01 -5.64 0.78
N LEU B 215 28.37 -4.71 0.10
CA LEU B 215 26.93 -4.71 -0.01
C LEU B 215 26.54 -5.08 -1.43
N PRO B 216 25.61 -6.03 -1.58
CA PRO B 216 25.17 -6.44 -2.93
C PRO B 216 24.45 -5.30 -3.63
N LEU B 217 24.79 -5.08 -4.88
CA LEU B 217 24.22 -4.00 -5.68
C LEU B 217 23.10 -4.57 -6.52
N ARG B 218 21.91 -4.00 -6.42
CA ARG B 218 20.76 -4.42 -7.20
C ARG B 218 20.49 -3.34 -8.24
N VAL B 219 20.58 -3.73 -9.51
CA VAL B 219 20.54 -2.80 -10.64
C VAL B 219 19.18 -2.91 -11.31
N PHE B 220 18.57 -1.76 -11.58
CA PHE B 220 17.26 -1.67 -12.24
C PHE B 220 17.43 -0.83 -13.50
N GLY B 221 17.15 -1.41 -14.65
CA GLY B 221 17.28 -0.70 -15.90
C GLY B 221 17.30 -1.67 -17.07
N LEU B 222 17.65 -1.13 -18.23
CA LEU B 222 17.64 -1.90 -19.48
C LEU B 222 19.08 -2.18 -19.90
N ILE B 223 19.44 -3.47 -19.98
CA ILE B 223 20.70 -3.87 -20.58
C ILE B 223 20.55 -3.94 -22.09
N GLN B 224 20.87 -2.85 -22.77
CA GLN B 224 20.83 -2.86 -24.22
C GLN B 224 22.13 -3.39 -24.84
N ASP B 225 23.25 -3.30 -24.11
CA ASP B 225 24.55 -3.75 -24.59
C ASP B 225 25.12 -4.72 -23.56
N GLN B 226 25.01 -6.01 -23.85
CA GLN B 226 25.56 -7.03 -22.96
C GLN B 226 27.07 -6.88 -22.77
N ALA B 227 27.75 -6.24 -23.72
CA ALA B 227 29.18 -6.00 -23.56
C ALA B 227 29.46 -5.13 -22.35
N TYR B 228 28.68 -4.05 -22.17
CA TYR B 228 28.92 -3.18 -21.01
C TYR B 228 28.60 -3.91 -19.72
N TRP B 229 27.63 -4.81 -19.74
CA TRP B 229 27.21 -5.50 -18.52
C TRP B 229 28.31 -6.38 -17.94
N GLN B 230 28.83 -7.33 -18.72
CA GLN B 230 29.87 -8.21 -18.17
C GLN B 230 31.15 -7.45 -17.84
N GLN B 231 31.47 -6.37 -18.56
CA GLN B 231 32.67 -5.62 -18.23
C GLN B 231 32.65 -5.16 -16.78
N ILE B 232 31.46 -4.77 -16.29
CA ILE B 232 31.35 -4.33 -14.91
C ILE B 232 31.68 -5.48 -13.95
N GLN B 233 31.19 -6.68 -14.24
CA GLN B 233 31.59 -7.83 -13.42
C GLN B 233 33.07 -8.15 -13.58
N ASN B 234 33.65 -7.80 -14.73
CA ASN B 234 35.08 -8.06 -14.92
C ASN B 234 35.93 -6.99 -14.25
N ASP B 235 35.45 -5.74 -14.20
CA ASP B 235 36.23 -4.70 -13.55
C ASP B 235 36.07 -4.74 -12.03
N PHE B 236 34.90 -5.17 -11.54
CA PHE B 236 34.59 -5.22 -10.11
C PHE B 236 34.19 -6.65 -9.73
N PRO B 237 35.17 -7.53 -9.56
CA PRO B 237 34.87 -8.96 -9.37
C PRO B 237 34.23 -9.27 -8.02
N LYS B 238 34.79 -8.68 -6.97
CA LYS B 238 34.36 -8.99 -5.60
C LYS B 238 33.05 -8.31 -5.21
N ALA B 239 32.44 -7.52 -6.10
CA ALA B 239 31.11 -6.98 -5.85
C ALA B 239 30.05 -7.98 -6.33
N GLU B 240 29.06 -8.24 -5.49
CA GLU B 240 27.94 -9.12 -5.86
C GLU B 240 26.89 -8.26 -6.56
N ILE B 241 26.98 -8.16 -7.88
CA ILE B 241 26.06 -7.34 -8.67
C ILE B 241 24.99 -8.21 -9.29
N HIS B 242 23.74 -7.74 -9.20
CA HIS B 242 22.58 -8.46 -9.68
C HIS B 242 21.77 -7.59 -10.63
N TYR B 243 21.29 -8.21 -11.72
CA TYR B 243 20.38 -7.55 -12.64
C TYR B 243 18.95 -7.84 -12.22
N GLU B 244 18.13 -6.79 -12.11
CA GLU B 244 16.74 -6.96 -11.74
C GLU B 244 15.78 -6.72 -12.91
N GLY B 245 16.28 -6.29 -14.06
CA GLY B 245 15.46 -6.11 -15.24
C GLY B 245 14.88 -4.72 -15.34
N PHE B 246 14.24 -4.45 -16.47
CA PHE B 246 13.47 -3.22 -16.69
C PHE B 246 12.05 -3.48 -16.20
N LEU B 247 11.70 -2.95 -15.02
CA LEU B 247 10.43 -3.25 -14.37
C LEU B 247 9.54 -2.02 -14.38
N SER B 248 8.23 -2.26 -14.20
CA SER B 248 7.28 -1.16 -14.20
C SER B 248 7.35 -0.40 -12.88
N THR B 249 6.57 0.68 -12.80
CA THR B 249 6.56 1.47 -11.58
C THR B 249 6.13 0.61 -10.40
N HIS B 250 5.14 -0.25 -10.60
CA HIS B 250 4.66 -1.09 -9.50
C HIS B 250 5.65 -2.22 -9.20
N GLU B 251 6.17 -2.88 -10.23
CA GLU B 251 7.14 -3.96 -10.01
C GLU B 251 8.42 -3.42 -9.39
N LEU B 252 8.81 -2.20 -9.75
CA LEU B 252 10.01 -1.59 -9.19
C LEU B 252 9.85 -1.34 -7.70
N GLN B 253 8.76 -0.69 -7.31
CA GLN B 253 8.60 -0.33 -5.90
C GLN B 253 8.44 -1.57 -5.03
N GLN B 254 7.86 -2.65 -5.57
CA GLN B 254 7.72 -3.88 -4.80
C GLN B 254 9.07 -4.43 -4.38
N LYS B 255 10.12 -4.20 -5.16
CA LYS B 255 11.44 -4.68 -4.80
C LYS B 255 12.37 -3.59 -4.29
N LEU B 256 12.06 -2.31 -4.54
CA LEU B 256 12.95 -1.23 -4.14
C LEU B 256 13.03 -1.10 -2.63
N GLY B 257 11.90 -1.27 -1.94
CA GLY B 257 11.91 -1.13 -0.50
C GLY B 257 12.91 -2.04 0.19
N GLN B 258 13.25 -3.17 -0.44
CA GLN B 258 14.17 -4.11 0.17
C GLN B 258 15.62 -3.70 0.05
N SER B 259 15.91 -2.41 -0.14
CA SER B 259 17.28 -1.92 -0.16
C SER B 259 17.60 -1.05 1.04
N SER B 260 18.87 -1.07 1.44
CA SER B 260 19.33 -0.20 2.52
C SER B 260 19.44 1.24 2.06
N ALA B 261 19.72 1.46 0.78
CA ALA B 261 19.83 2.80 0.22
C ALA B 261 19.72 2.73 -1.29
N LEU B 262 19.28 3.84 -1.89
CA LEU B 262 19.32 4.04 -3.33
C LEU B 262 20.55 4.86 -3.67
N LEU B 263 21.38 4.33 -4.58
CA LEU B 263 22.57 5.02 -5.06
C LEU B 263 22.24 5.79 -6.34
N MET B 264 22.52 7.09 -6.33
CA MET B 264 22.28 7.90 -7.52
C MET B 264 23.55 8.64 -7.93
N THR B 265 24.14 8.20 -9.04
CA THR B 265 25.46 8.64 -9.48
C THR B 265 25.39 9.28 -10.86
N PRO B 266 24.74 10.44 -10.98
CA PRO B 266 24.71 11.10 -12.29
C PRO B 266 26.03 11.79 -12.57
N ARG B 267 26.44 11.74 -13.83
CA ARG B 267 27.63 12.43 -14.31
C ARG B 267 27.26 13.75 -14.98
N TRP B 268 26.00 14.16 -14.87
CA TRP B 268 25.47 15.40 -15.43
C TRP B 268 24.61 16.11 -14.39
N ILE B 269 24.15 17.30 -14.76
CA ILE B 269 23.18 18.00 -13.93
C ILE B 269 21.84 17.33 -14.12
N GLU B 270 21.31 16.73 -13.05
CA GLU B 270 20.08 15.95 -13.15
C GLU B 270 18.88 16.85 -12.93
N ALA B 271 17.86 16.70 -13.77
CA ALA B 271 16.77 17.65 -13.64
C ALA B 271 15.70 17.18 -12.67
N PHE B 272 15.22 15.96 -12.81
CA PHE B 272 14.08 15.55 -12.00
C PHE B 272 14.45 14.69 -10.81
N GLY B 273 15.28 13.65 -11.01
CA GLY B 273 15.66 12.77 -9.94
C GLY B 273 14.46 11.98 -9.41
N ASN B 274 13.62 11.49 -10.32
CA ASN B 274 12.37 10.89 -9.87
C ASN B 274 12.57 9.53 -9.19
N ALA B 275 13.72 8.88 -9.37
CA ALA B 275 13.95 7.65 -8.61
C ALA B 275 14.02 7.90 -7.12
N ALA B 276 14.63 9.02 -6.69
CA ALA B 276 14.71 9.31 -5.26
C ALA B 276 13.32 9.38 -4.63
N ILE B 277 12.39 10.05 -5.31
CA ILE B 277 11.03 10.16 -4.78
C ILE B 277 10.40 8.78 -4.66
N GLU B 278 10.63 7.91 -5.65
CA GLU B 278 10.09 6.55 -5.56
C GLU B 278 10.71 5.81 -4.39
N ALA B 279 12.01 6.01 -4.17
CA ALA B 279 12.70 5.37 -3.07
C ALA B 279 12.20 5.86 -1.72
N PHE B 280 11.90 7.16 -1.62
CA PHE B 280 11.37 7.68 -0.37
C PHE B 280 10.03 7.06 -0.05
N ALA B 281 9.21 6.86 -1.07
CA ALA B 281 7.91 6.24 -0.89
C ALA B 281 8.03 4.87 -0.24
N CYS B 282 9.12 4.15 -0.53
CA CYS B 282 9.36 2.83 0.04
C CYS B 282 10.16 2.88 1.35
N GLY B 283 10.45 4.06 1.87
CA GLY B 283 11.29 4.14 3.05
C GLY B 283 12.76 3.91 2.80
N VAL B 284 13.21 4.02 1.56
CA VAL B 284 14.60 3.78 1.19
C VAL B 284 15.35 5.12 1.19
N PRO B 285 16.39 5.29 1.98
CA PRO B 285 17.17 6.54 1.94
C PRO B 285 17.97 6.63 0.64
N VAL B 286 18.28 7.85 0.25
CA VAL B 286 18.93 8.13 -1.02
C VAL B 286 20.32 8.67 -0.76
N ILE B 287 21.32 8.00 -1.32
CA ILE B 287 22.71 8.48 -1.34
C ILE B 287 22.98 8.92 -2.76
N SER B 288 23.09 10.22 -2.98
CA SER B 288 23.18 10.77 -4.33
C SER B 288 24.29 11.80 -4.42
N TYR B 289 24.86 11.92 -5.62
CA TYR B 289 25.74 13.05 -5.91
C TYR B 289 24.95 14.35 -5.90
N ARG B 290 25.62 15.44 -5.55
CA ARG B 290 24.99 16.77 -5.60
C ARG B 290 24.72 17.12 -7.05
N SER B 291 23.50 16.88 -7.51
CA SER B 291 23.22 17.09 -8.92
C SER B 291 21.80 17.56 -9.14
N GLY B 292 21.65 18.78 -9.65
CA GLY B 292 20.35 19.23 -10.11
C GLY B 292 19.29 19.14 -9.03
N GLY B 293 18.16 18.54 -9.39
CA GLY B 293 17.05 18.47 -8.46
C GLY B 293 17.29 17.57 -7.27
N LEU B 294 18.21 16.62 -7.38
CA LEU B 294 18.53 15.75 -6.25
C LEU B 294 18.99 16.55 -5.05
N THR B 295 19.71 17.65 -5.27
CA THR B 295 20.14 18.48 -4.16
C THR B 295 18.94 19.10 -3.43
N GLU B 296 17.80 19.23 -4.12
CA GLU B 296 16.58 19.72 -3.49
C GLU B 296 15.70 18.61 -2.92
N ILE B 297 15.91 17.37 -3.32
CA ILE B 297 15.14 16.26 -2.80
C ILE B 297 15.83 15.61 -1.60
N VAL B 298 17.10 15.26 -1.72
CA VAL B 298 17.83 14.61 -0.63
C VAL B 298 18.14 15.63 0.45
N ARG B 299 17.55 15.47 1.63
CA ARG B 299 17.89 16.28 2.79
C ARG B 299 19.06 15.61 3.50
N HIS B 300 20.23 16.24 3.43
CA HIS B 300 21.46 15.64 3.93
C HIS B 300 21.37 15.33 5.41
N GLY B 301 21.70 14.10 5.78
CA GLY B 301 21.68 13.69 7.16
C GLY B 301 20.30 13.38 7.69
N LYS B 302 19.24 13.66 6.93
CA LYS B 302 17.88 13.40 7.38
C LYS B 302 17.22 12.29 6.59
N THR B 303 17.16 12.41 5.26
CA THR B 303 16.55 11.40 4.41
C THR B 303 17.55 10.78 3.46
N GLY B 304 18.83 11.01 3.68
CA GLY B 304 19.85 10.47 2.79
C GLY B 304 21.12 11.29 2.95
N PHE B 305 21.99 11.18 1.93
CA PHE B 305 23.23 11.94 1.92
C PHE B 305 23.50 12.46 0.51
N LEU B 306 24.07 13.66 0.45
CA LEU B 306 24.53 14.24 -0.81
C LEU B 306 26.04 14.20 -0.83
N VAL B 307 26.61 13.74 -1.94
CA VAL B 307 28.03 13.49 -2.08
C VAL B 307 28.58 14.41 -3.15
N ASP B 308 29.79 14.94 -2.92
CA ASP B 308 30.47 15.75 -3.92
C ASP B 308 30.54 14.98 -5.23
N MET B 309 30.17 15.65 -6.32
CA MET B 309 30.02 14.98 -7.60
C MET B 309 31.28 14.19 -7.93
N GLY B 310 31.09 12.89 -8.20
CA GLY B 310 32.19 12.02 -8.57
C GLY B 310 32.95 11.38 -7.44
N SER B 311 32.71 11.77 -6.17
CA SER B 311 33.48 11.27 -5.04
C SER B 311 32.98 9.88 -4.65
N VAL B 312 33.65 8.83 -5.15
CA VAL B 312 33.30 7.47 -4.76
C VAL B 312 33.60 7.24 -3.29
N ALA B 313 34.67 7.84 -2.77
CA ALA B 313 34.93 7.75 -1.35
C ALA B 313 33.77 8.36 -0.55
N GLY B 314 33.18 9.44 -1.08
CA GLY B 314 32.03 10.04 -0.43
C GLY B 314 30.80 9.16 -0.45
N LEU B 315 30.60 8.41 -1.54
CA LEU B 315 29.53 7.42 -1.57
C LEU B 315 29.79 6.33 -0.54
N ILE B 316 31.05 5.91 -0.42
CA ILE B 316 31.37 4.87 0.55
C ILE B 316 31.17 5.39 1.96
N GLU B 317 31.64 6.60 2.23
CA GLU B 317 31.48 7.20 3.55
C GLU B 317 30.01 7.32 3.92
N ALA B 318 29.17 7.71 2.96
CA ALA B 318 27.74 7.85 3.23
C ALA B 318 27.07 6.52 3.53
N VAL B 319 27.50 5.43 2.90
CA VAL B 319 26.88 4.13 3.18
C VAL B 319 27.18 3.71 4.62
N SER B 320 28.38 4.01 5.10
CA SER B 320 28.72 3.64 6.46
C SER B 320 27.84 4.35 7.48
N LYS B 321 27.16 5.43 7.10
CA LYS B 321 26.33 6.19 8.03
C LYS B 321 24.84 5.96 7.82
N LEU B 322 24.45 4.92 7.06
CA LEU B 322 23.03 4.69 6.82
C LEU B 322 22.25 4.50 8.11
N GLU B 323 22.84 3.92 9.15
CA GLU B 323 22.07 3.70 10.35
C GLU B 323 21.61 5.00 11.00
N THR B 324 22.24 6.13 10.70
CA THR B 324 21.78 7.38 11.28
C THR B 324 20.56 7.95 10.56
N ILE B 325 20.10 7.33 9.48
CA ILE B 325 18.98 7.84 8.70
C ILE B 325 17.74 7.04 9.07
N ASP B 326 16.76 7.72 9.65
CA ASP B 326 15.48 7.11 9.96
C ASP B 326 14.69 6.86 8.69
N ARG B 327 14.40 5.59 8.41
CA ARG B 327 13.63 5.26 7.21
C ARG B 327 12.23 5.89 7.27
N LEU B 328 11.70 6.11 8.47
CA LEU B 328 10.44 6.81 8.58
C LEU B 328 10.58 8.24 8.05
N ALA B 329 11.76 8.84 8.18
CA ALA B 329 11.92 10.21 7.70
C ALA B 329 11.69 10.32 6.21
N CYS B 330 12.16 9.33 5.44
CA CYS B 330 11.98 9.32 3.99
C CYS B 330 10.50 9.24 3.62
N ARG B 331 9.76 8.36 4.27
CA ARG B 331 8.34 8.25 3.99
C ARG B 331 7.59 9.51 4.39
N GLN B 332 7.98 10.13 5.51
CA GLN B 332 7.27 11.33 5.96
C GLN B 332 7.50 12.48 5.00
N GLN B 333 8.73 12.62 4.47
CA GLN B 333 8.96 13.65 3.47
C GLN B 333 8.07 13.43 2.26
N LEU B 334 7.89 12.19 1.84
CA LEU B 334 7.00 11.90 0.72
C LEU B 334 5.55 12.20 1.09
N GLU B 335 5.19 12.06 2.37
CA GLU B 335 3.82 12.41 2.70
C GLU B 335 3.65 13.92 2.78
N GLU B 336 4.69 14.62 3.27
CA GLU B 336 4.58 16.05 3.45
C GLU B 336 4.80 16.81 2.16
N GLU B 337 5.57 16.24 1.25
CA GLU B 337 5.87 16.76 -0.07
C GLU B 337 5.73 15.59 -1.02
N TYR B 338 5.45 15.84 -2.29
CA TYR B 338 5.38 14.77 -3.30
C TYR B 338 4.19 13.81 -3.13
N SER B 339 3.12 14.19 -2.44
CA SER B 339 1.94 13.34 -2.30
C SER B 339 0.75 13.99 -2.98
N LEU B 340 -0.26 13.18 -3.32
CA LEU B 340 -1.41 13.73 -4.03
C LEU B 340 -2.14 14.76 -3.16
N GLU B 341 -2.07 14.61 -1.84
CA GLU B 341 -2.67 15.60 -0.96
C GLU B 341 -1.94 16.92 -1.08
N VAL B 342 -0.61 16.90 -0.96
CA VAL B 342 0.16 18.13 -1.01
C VAL B 342 0.16 18.70 -2.43
N TRP B 343 0.28 17.83 -3.43
CA TRP B 343 0.33 18.29 -4.81
C TRP B 343 -1.00 18.89 -5.25
N GLY B 344 -2.11 18.23 -4.92
CA GLY B 344 -3.40 18.80 -5.20
C GLY B 344 -3.62 20.11 -4.47
N ASP B 345 -2.97 20.28 -3.31
CA ASP B 345 -3.04 21.57 -2.62
C ASP B 345 -2.37 22.64 -3.45
N ARG B 346 -1.13 22.38 -3.88
CA ARG B 346 -0.37 23.36 -4.64
C ARG B 346 -1.04 23.67 -5.97
N LEU B 347 -1.54 22.64 -6.65
CA LEU B 347 -2.24 22.84 -7.91
C LEU B 347 -3.46 23.72 -7.72
N GLU B 348 -4.25 23.43 -6.69
CA GLU B 348 -5.45 24.21 -6.41
C GLU B 348 -5.10 25.68 -6.16
N LYS B 349 -4.14 25.92 -5.28
CA LYS B 349 -3.73 27.29 -5.00
C LYS B 349 -3.25 27.97 -6.27
N TRP B 350 -2.55 27.22 -7.13
CA TRP B 350 -2.07 27.78 -8.38
C TRP B 350 -3.23 28.11 -9.31
N PHE B 351 -4.16 27.17 -9.50
CA PHE B 351 -5.29 27.41 -10.39
C PHE B 351 -6.11 28.60 -9.93
N GLU B 352 -6.31 28.72 -8.62
CA GLU B 352 -7.05 29.88 -8.11
C GLU B 352 -6.38 31.18 -8.50
N GLN B 353 -5.05 31.26 -8.35
CA GLN B 353 -4.33 32.47 -8.74
C GLN B 353 -4.64 32.84 -10.19
N LEU B 354 -4.61 31.85 -11.08
CA LEU B 354 -4.84 32.12 -12.48
C LEU B 354 -6.29 32.55 -12.74
N ILE B 355 -7.24 31.85 -12.13
CA ILE B 355 -8.65 32.15 -12.40
C ILE B 355 -9.03 33.53 -11.85
N THR B 356 -8.61 33.87 -10.63
CA THR B 356 -8.94 35.19 -10.11
C THR B 356 -8.26 36.28 -10.91
N SER B 357 -7.02 36.03 -11.38
CA SER B 357 -6.31 37.04 -12.15
C SER B 357 -6.90 37.23 -13.54
N TYR B 358 -7.40 36.16 -14.16
CA TYR B 358 -7.98 36.29 -15.49
C TYR B 358 -9.26 37.11 -15.46
N THR B 359 -10.08 36.94 -14.43
CA THR B 359 -11.29 37.75 -14.31
C THR B 359 -10.95 39.22 -14.06
N LEU B 360 -9.94 39.48 -13.24
CA LEU B 360 -9.41 40.82 -13.07
C LEU B 360 -8.56 41.20 -14.28
#